data_3P2D
#
_entry.id   3P2D
#
_cell.length_a   73.177
_cell.length_b   73.323
_cell.length_c   201.973
_cell.angle_alpha   90.00
_cell.angle_beta   90.00
_cell.angle_gamma   90.00
#
_symmetry.space_group_name_H-M   'P 21 21 21'
#
_entity_poly.entity_id   1
_entity_poly.type   'polypeptide(L)'
_entity_poly.pdbx_seq_one_letter_code
;MGEKPGTRVFKKSSPNCKLTVYLGKRDFVDHLDKVDPVDGVVLVDPDYLKDRKVFVTLTCAFRYGREDLDVLGLSFRKDL
FIANYQAFPPTPNPPRPPTRLQERLLRKLGQHAHPFFFTIPQNLPCSVTLQPGPEDTGKACGVDFEIRAFCAKSLEEKSH
KRNSVRLVIRKVQFAPEKPGPQPSAETTRHFLMSDRSLHLEASLDKELYYHGEPLNVNVHVTNNSTKTVKKIKVSVRQYA
DICLFSTAQYKCPVAQVEQDDQVSPSSTFCKVYTITPLLSNNREKRGLALDGKLKHEDTNLASSTIVKEGANKEVLGILV
SYRVKVKLVVSRGGDVSVELPFVLMHPKPHDHIALPRPQSAAPETDAPVDTNLIEFETNYATDDDIVFEDFAR
;
_entity_poly.pdbx_strand_id   A,B
#
# COMPACT_ATOMS: atom_id res chain seq x y z
N GLY A 6 13.43 -13.21 10.60
CA GLY A 6 12.30 -14.11 10.78
C GLY A 6 11.36 -13.69 11.89
N THR A 7 11.31 -14.49 12.95
CA THR A 7 10.49 -14.17 14.12
C THR A 7 11.26 -13.25 15.06
N ARG A 8 10.55 -12.39 15.78
CA ARG A 8 11.19 -11.45 16.72
C ARG A 8 10.68 -11.61 18.16
N VAL A 9 11.63 -11.59 19.09
CA VAL A 9 11.35 -11.90 20.49
C VAL A 9 12.13 -10.97 21.39
N PHE A 10 11.51 -10.57 22.51
CA PHE A 10 12.05 -9.49 23.31
C PHE A 10 12.65 -9.91 24.66
N LYS A 11 13.87 -9.47 24.94
CA LYS A 11 14.50 -9.87 26.18
C LYS A 11 14.98 -8.70 27.04
N LYS A 12 14.75 -8.82 28.33
CA LYS A 12 15.43 -7.98 29.29
C LYS A 12 15.91 -8.92 30.36
N SER A 13 17.08 -8.65 30.93
CA SER A 13 17.62 -9.51 31.97
C SER A 13 17.96 -8.70 33.20
N SER A 14 17.75 -9.30 34.37
CA SER A 14 18.07 -8.64 35.64
C SER A 14 19.44 -7.96 35.62
N PRO A 15 19.61 -6.92 36.45
CA PRO A 15 20.90 -6.24 36.53
C PRO A 15 22.03 -7.23 36.65
N ASN A 16 21.82 -8.31 37.41
CA ASN A 16 22.86 -9.33 37.59
C ASN A 16 22.97 -10.30 36.40
N CYS A 17 22.07 -10.13 35.43
CA CYS A 17 22.08 -10.91 34.19
C CYS A 17 21.61 -12.35 34.39
N LYS A 18 21.49 -12.74 35.65
CA LYS A 18 21.12 -14.11 36.02
C LYS A 18 19.76 -14.51 35.47
N LEU A 19 18.76 -13.68 35.73
CA LEU A 19 17.39 -13.92 35.31
C LEU A 19 17.15 -13.14 34.04
N THR A 20 16.44 -13.74 33.09
CA THR A 20 16.07 -13.03 31.86
C THR A 20 14.62 -13.29 31.50
N VAL A 21 13.96 -12.32 30.88
CA VAL A 21 12.59 -12.52 30.41
C VAL A 21 12.48 -12.34 28.91
N TYR A 22 11.64 -13.17 28.30
CA TYR A 22 11.45 -13.18 26.86
C TYR A 22 9.97 -12.96 26.53
N LEU A 23 9.68 -12.26 25.45
CA LEU A 23 8.28 -11.98 25.10
C LEU A 23 8.03 -11.66 23.63
N GLY A 24 6.87 -12.03 23.13
CA GLY A 24 6.58 -11.83 21.72
C GLY A 24 6.11 -10.43 21.37
N LYS A 25 5.46 -9.78 22.33
CA LYS A 25 4.87 -8.48 22.08
C LYS A 25 5.35 -7.50 23.12
N ARG A 26 5.67 -6.27 22.71
CA ARG A 26 5.80 -5.20 23.68
C ARG A 26 4.39 -4.70 23.98
N ASP A 27 3.57 -4.61 22.95
CA ASP A 27 2.27 -4.01 23.11
C ASP A 27 1.16 -5.03 23.04
N PHE A 28 0.20 -4.89 23.94
CA PHE A 28 -0.92 -5.82 24.03
C PHE A 28 -2.19 -5.07 23.74
N VAL A 29 -2.99 -5.59 22.81
CA VAL A 29 -4.22 -4.91 22.38
C VAL A 29 -5.43 -5.26 23.24
N ASP A 30 -6.23 -4.23 23.52
CA ASP A 30 -7.54 -4.42 24.11
C ASP A 30 -8.51 -4.37 22.96
N HIS A 31 -9.36 -5.38 22.86
CA HIS A 31 -10.29 -5.49 21.74
C HIS A 31 -11.68 -5.14 22.17
N LEU A 32 -11.79 -4.49 23.34
CA LEU A 32 -13.04 -4.33 24.10
C LEU A 32 -13.53 -5.69 24.59
N ASP A 33 -13.64 -6.63 23.65
CA ASP A 33 -14.11 -7.97 23.95
C ASP A 33 -13.19 -8.73 24.93
N LYS A 34 -11.91 -8.37 24.93
CA LYS A 34 -10.84 -9.09 25.64
C LYS A 34 -9.48 -8.42 25.44
N VAL A 35 -8.40 -9.20 25.53
CA VAL A 35 -7.06 -8.63 25.51
C VAL A 35 -5.99 -9.67 25.13
N ASP A 36 -5.10 -9.33 24.21
CA ASP A 36 -4.01 -10.23 23.86
C ASP A 36 -3.42 -10.82 25.12
N PRO A 37 -2.99 -12.06 25.04
CA PRO A 37 -2.50 -12.62 26.29
C PRO A 37 -1.01 -12.39 26.45
N VAL A 38 -0.58 -12.37 27.69
CA VAL A 38 0.83 -12.35 28.01
C VAL A 38 1.36 -13.77 28.20
N ASP A 39 2.08 -14.22 27.18
CA ASP A 39 2.67 -15.56 27.13
C ASP A 39 4.19 -15.45 26.98
N GLY A 40 4.90 -15.58 28.08
CA GLY A 40 6.34 -15.41 28.04
C GLY A 40 7.08 -16.57 28.68
N VAL A 41 8.39 -16.41 28.85
CA VAL A 41 9.25 -17.42 29.42
C VAL A 41 10.31 -16.69 30.20
N VAL A 42 10.96 -17.40 31.10
CA VAL A 42 11.92 -16.76 31.99
C VAL A 42 13.08 -17.72 32.23
N LEU A 43 14.28 -17.18 32.40
CA LEU A 43 15.49 -18.00 32.40
C LEU A 43 16.41 -17.67 33.57
N VAL A 44 16.43 -18.54 34.58
CA VAL A 44 17.39 -18.39 35.69
C VAL A 44 18.38 -19.56 35.76
N ASP A 45 19.60 -19.32 35.27
CA ASP A 45 20.51 -20.43 34.98
C ASP A 45 21.05 -21.14 36.23
N PRO A 46 22.09 -20.59 36.87
CA PRO A 46 22.71 -21.41 37.92
C PRO A 46 21.68 -21.66 39.01
N ASP A 47 22.05 -22.36 40.07
CA ASP A 47 21.05 -22.74 41.05
C ASP A 47 20.55 -21.58 41.91
N TYR A 48 19.36 -21.07 41.57
CA TYR A 48 18.72 -20.01 42.32
C TYR A 48 17.27 -20.36 42.63
N LEU A 49 17.04 -20.68 43.90
CA LEU A 49 18.14 -20.99 44.81
C LEU A 49 17.95 -22.45 45.15
N LYS A 50 17.14 -23.13 44.34
CA LYS A 50 16.62 -24.45 44.68
C LYS A 50 15.63 -24.29 45.84
N ASP A 51 16.13 -23.83 46.99
CA ASP A 51 15.27 -23.52 48.13
C ASP A 51 14.35 -22.37 47.76
N ARG A 52 14.79 -21.56 46.80
CA ARG A 52 14.07 -20.35 46.43
C ARG A 52 13.35 -20.47 45.11
N LYS A 53 12.04 -20.21 45.15
CA LYS A 53 11.18 -20.33 43.98
C LYS A 53 11.32 -19.11 43.09
N VAL A 54 10.94 -19.23 41.82
CA VAL A 54 10.96 -18.09 40.91
C VAL A 54 9.55 -17.61 40.58
N PHE A 55 9.31 -16.31 40.66
CA PHE A 55 7.98 -15.76 40.48
C PHE A 55 7.89 -14.75 39.36
N VAL A 56 6.68 -14.55 38.84
CA VAL A 56 6.44 -13.44 37.95
C VAL A 56 5.21 -12.63 38.27
N THR A 57 5.39 -11.33 38.28
CA THR A 57 4.36 -10.45 38.74
C THR A 57 3.85 -9.59 37.62
N LEU A 58 2.55 -9.46 37.49
CA LEU A 58 2.04 -8.46 36.59
C LEU A 58 1.18 -7.49 37.34
N THR A 59 1.66 -6.26 37.40
CA THR A 59 0.96 -5.23 38.16
C THR A 59 0.48 -4.07 37.30
N CYS A 60 -0.67 -3.52 37.66
CA CYS A 60 -1.22 -2.40 36.93
C CYS A 60 -1.69 -1.32 37.91
N ALA A 61 -1.05 -0.16 37.89
CA ALA A 61 -1.23 0.82 38.94
C ALA A 61 -1.35 2.26 38.45
N PHE A 62 -2.03 3.12 39.21
CA PHE A 62 -2.03 4.54 38.90
C PHE A 62 -0.99 5.22 39.78
N ARG A 63 -0.09 5.98 39.15
CA ARG A 63 0.97 6.68 39.87
C ARG A 63 0.80 8.15 39.58
N TYR A 64 1.13 8.98 40.57
CA TYR A 64 1.12 10.42 40.42
C TYR A 64 2.27 11.00 41.21
N GLY A 65 3.15 11.77 40.55
CA GLY A 65 4.12 12.56 41.27
C GLY A 65 5.48 12.58 40.62
N ARG A 66 5.81 11.45 40.03
CA ARG A 66 6.97 11.32 39.20
C ARG A 66 6.43 10.32 38.24
N GLU A 67 7.29 9.64 37.51
CA GLU A 67 6.83 8.49 36.75
C GLU A 67 7.44 7.26 37.32
N ASP A 68 7.25 6.18 36.61
CA ASP A 68 7.95 4.95 36.88
C ASP A 68 7.80 4.41 38.28
N LEU A 69 6.64 4.49 38.90
CA LEU A 69 6.55 3.92 40.24
C LEU A 69 7.88 4.18 40.98
N ASP A 70 8.54 5.28 40.61
CA ASP A 70 9.80 5.64 41.23
C ASP A 70 9.47 6.18 42.60
N VAL A 71 9.95 5.50 43.64
CA VAL A 71 9.70 5.93 45.04
C VAL A 71 9.75 7.42 45.34
N LEU A 72 10.77 8.11 44.80
CA LEU A 72 11.09 9.51 45.13
C LEU A 72 10.21 10.49 44.39
N GLY A 73 9.26 11.07 45.09
CA GLY A 73 8.39 12.03 44.47
C GLY A 73 7.02 11.44 44.31
N LEU A 74 6.89 10.14 44.50
CA LEU A 74 5.60 9.51 44.36
C LEU A 74 4.58 9.97 45.37
N SER A 75 3.74 10.93 45.03
CA SER A 75 2.71 11.40 45.94
C SER A 75 1.56 10.43 46.18
N PHE A 76 1.23 9.62 45.19
CA PHE A 76 0.03 8.80 45.27
C PHE A 76 0.07 7.63 44.30
N ARG A 77 -0.44 6.49 44.73
CA ARG A 77 -0.45 5.29 43.91
C ARG A 77 -1.65 4.41 44.23
N LYS A 78 -2.39 4.00 43.20
CA LYS A 78 -3.50 3.08 43.40
C LYS A 78 -3.26 1.80 42.61
N ASP A 79 -3.28 0.68 43.30
CA ASP A 79 -3.22 -0.62 42.65
C ASP A 79 -4.55 -0.85 42.00
N LEU A 80 -4.53 -1.28 40.75
CA LEU A 80 -5.75 -1.57 39.99
C LEU A 80 -5.87 -3.08 39.65
N PHE A 81 -4.78 -3.81 39.82
CA PHE A 81 -4.68 -5.23 39.45
C PHE A 81 -3.27 -5.71 39.72
N ILE A 82 -3.14 -6.84 40.38
CA ILE A 82 -1.85 -7.53 40.46
C ILE A 82 -2.06 -9.02 40.22
N ALA A 83 -1.14 -9.61 39.47
CA ALA A 83 -1.13 -11.06 39.24
C ALA A 83 0.23 -11.61 39.59
N ASN A 84 0.22 -12.76 40.27
CA ASN A 84 1.40 -13.61 40.35
C ASN A 84 1.03 -15.02 39.89
N TYR A 85 2.03 -15.89 39.96
CA TYR A 85 1.87 -17.31 39.76
C TYR A 85 3.30 -17.78 39.65
N GLN A 86 3.49 -19.06 39.95
CA GLN A 86 4.81 -19.63 40.11
C GLN A 86 5.33 -20.20 38.80
N ALA A 87 6.33 -19.55 38.21
CA ALA A 87 6.95 -20.11 37.01
C ALA A 87 7.56 -21.46 37.34
N PHE A 88 8.58 -21.47 38.20
CA PHE A 88 9.21 -22.70 38.67
C PHE A 88 9.21 -22.77 40.19
N PRO A 89 8.66 -23.86 40.74
CA PRO A 89 8.05 -24.94 39.96
C PRO A 89 6.80 -24.54 39.19
N PRO A 90 6.41 -25.37 38.20
CA PRO A 90 5.19 -25.11 37.45
C PRO A 90 3.98 -25.28 38.35
N THR A 91 2.79 -25.27 37.77
CA THR A 91 1.58 -25.34 38.57
C THR A 91 0.39 -25.80 37.73
N PRO A 92 -0.42 -26.73 38.29
CA PRO A 92 -1.59 -27.33 37.63
C PRO A 92 -2.41 -26.32 36.82
N ASN A 93 -2.51 -25.10 37.34
CA ASN A 93 -3.06 -23.99 36.58
C ASN A 93 -2.45 -24.00 35.18
N PRO A 94 -3.22 -23.63 34.16
CA PRO A 94 -4.65 -23.49 33.99
C PRO A 94 -4.89 -23.63 32.49
N PRO A 95 -5.12 -22.50 31.76
CA PRO A 95 -4.82 -22.61 30.33
C PRO A 95 -3.33 -22.59 30.04
N ARG A 96 -2.61 -23.64 30.44
CA ARG A 96 -1.16 -23.72 30.23
C ARG A 96 -0.68 -23.93 28.77
N PRO A 97 -1.58 -24.27 27.85
CA PRO A 97 -1.05 -24.59 26.50
C PRO A 97 -0.15 -23.49 25.96
N PRO A 98 1.17 -23.72 25.99
CA PRO A 98 2.14 -22.71 25.55
C PRO A 98 1.99 -22.44 24.06
N THR A 99 1.63 -21.20 23.76
CA THR A 99 1.62 -20.67 22.41
C THR A 99 2.74 -21.30 21.61
N ARG A 100 2.56 -21.39 20.31
CA ARG A 100 3.60 -21.97 19.49
C ARG A 100 4.94 -21.35 19.84
N LEU A 101 5.02 -20.03 19.79
CA LEU A 101 6.23 -19.31 20.13
C LEU A 101 6.81 -19.78 21.45
N GLN A 102 5.98 -19.81 22.49
CA GLN A 102 6.37 -20.25 23.81
C GLN A 102 7.05 -21.63 23.75
N GLU A 103 6.63 -22.46 22.79
CA GLU A 103 7.20 -23.80 22.63
C GLU A 103 8.60 -23.74 22.03
N ARG A 104 8.71 -23.14 20.84
CA ARG A 104 9.98 -23.04 20.15
C ARG A 104 11.01 -22.45 21.08
N LEU A 105 10.57 -21.46 21.86
CA LEU A 105 11.43 -20.85 22.85
C LEU A 105 11.85 -21.81 23.98
N LEU A 106 10.97 -22.73 24.35
CA LEU A 106 11.27 -23.63 25.47
C LEU A 106 12.40 -24.63 25.19
N ARG A 107 12.64 -24.94 23.91
CA ARG A 107 13.76 -25.80 23.60
C ARG A 107 15.02 -25.06 23.14
N LYS A 108 14.84 -23.86 22.58
CA LYS A 108 16.00 -23.04 22.20
C LYS A 108 16.84 -22.76 23.46
N LEU A 109 16.20 -22.85 24.62
CA LEU A 109 16.86 -22.49 25.86
C LEU A 109 16.87 -23.66 26.83
N GLY A 110 17.42 -23.43 28.03
CA GLY A 110 17.59 -24.47 29.03
C GLY A 110 16.36 -25.29 29.36
N GLN A 111 16.53 -26.25 30.25
CA GLN A 111 15.40 -26.98 30.79
C GLN A 111 14.85 -26.14 31.93
N HIS A 112 15.60 -25.11 32.30
CA HIS A 112 15.16 -24.14 33.30
C HIS A 112 14.72 -22.83 32.68
N ALA A 113 14.16 -22.93 31.48
CA ALA A 113 13.32 -21.86 30.96
C ALA A 113 11.92 -22.37 31.18
N HIS A 114 11.10 -21.60 31.90
CA HIS A 114 9.77 -22.04 32.27
C HIS A 114 8.73 -21.07 31.71
N PRO A 115 7.54 -21.57 31.37
CA PRO A 115 6.61 -20.59 30.82
C PRO A 115 6.01 -19.81 31.94
N PHE A 116 5.12 -18.92 31.55
CA PHE A 116 4.55 -17.97 32.46
C PHE A 116 3.49 -17.27 31.66
N PHE A 117 2.31 -17.14 32.24
CA PHE A 117 1.29 -16.34 31.60
C PHE A 117 0.34 -15.64 32.55
N PHE A 118 -0.27 -14.60 31.99
CA PHE A 118 -1.10 -13.64 32.66
C PHE A 118 -2.25 -13.35 31.71
N THR A 119 -3.43 -13.12 32.26
CA THR A 119 -4.56 -12.75 31.44
C THR A 119 -5.17 -11.54 32.09
N ILE A 120 -5.32 -10.45 31.32
CA ILE A 120 -5.54 -9.08 31.82
C ILE A 120 -6.97 -8.58 31.60
N PRO A 121 -7.64 -8.04 32.62
CA PRO A 121 -9.03 -7.67 32.27
C PRO A 121 -9.22 -6.44 31.36
N GLN A 122 -10.20 -6.50 30.45
CA GLN A 122 -10.46 -5.38 29.53
C GLN A 122 -10.77 -4.10 30.26
N ASN A 123 -11.64 -4.20 31.25
CA ASN A 123 -12.11 -3.05 32.05
C ASN A 123 -11.02 -2.12 32.58
N LEU A 124 -9.83 -2.68 32.84
CA LEU A 124 -8.65 -1.90 33.22
C LEU A 124 -8.35 -0.74 32.26
N PRO A 125 -7.78 0.35 32.74
CA PRO A 125 -7.37 1.42 31.82
C PRO A 125 -6.27 0.94 30.89
N CYS A 126 -5.93 1.81 29.95
CA CYS A 126 -4.89 1.52 28.97
C CYS A 126 -3.66 2.32 29.33
N SER A 127 -2.48 1.88 28.92
CA SER A 127 -1.28 2.65 29.18
C SER A 127 -1.53 4.10 28.76
N VAL A 128 -1.17 5.01 29.65
CA VAL A 128 -1.34 6.43 29.43
C VAL A 128 -0.40 7.18 30.37
N THR A 129 0.00 8.36 29.95
CA THR A 129 1.11 9.03 30.57
C THR A 129 0.89 10.51 30.38
N LEU A 130 1.06 11.29 31.44
CA LEU A 130 1.10 12.75 31.29
C LEU A 130 2.27 13.32 32.05
N GLN A 131 2.76 14.45 31.55
CA GLN A 131 3.75 15.27 32.23
C GLN A 131 3.50 16.72 31.87
N PRO A 132 3.15 17.51 32.88
CA PRO A 132 2.68 18.90 32.74
C PRO A 132 3.73 19.85 32.12
N GLY A 133 3.30 21.02 31.67
CA GLY A 133 4.19 21.92 30.95
C GLY A 133 5.02 22.84 31.83
N PRO A 134 4.77 24.14 31.73
CA PRO A 134 5.44 25.30 32.34
C PRO A 134 6.10 25.19 33.74
N GLU A 135 5.49 24.61 34.77
CA GLU A 135 4.39 23.67 34.69
C GLU A 135 2.99 24.25 34.59
N ASP A 136 2.06 23.32 34.61
CA ASP A 136 0.65 23.59 34.78
C ASP A 136 0.37 23.15 36.21
N THR A 137 1.41 23.28 37.05
CA THR A 137 1.35 23.06 38.50
C THR A 137 1.18 21.62 38.93
N GLY A 138 0.48 20.83 38.16
CA GLY A 138 0.35 19.43 38.49
C GLY A 138 1.67 18.70 38.36
N LYS A 139 1.79 17.52 38.97
CA LYS A 139 2.97 16.70 38.73
C LYS A 139 2.66 15.76 37.57
N ALA A 140 3.67 15.05 37.10
CA ALA A 140 3.43 14.00 36.12
C ALA A 140 2.66 12.84 36.77
N CYS A 141 1.97 12.05 35.93
CA CYS A 141 1.29 10.84 36.37
C CYS A 141 0.89 9.95 35.21
N GLY A 142 0.20 8.86 35.54
CA GLY A 142 -0.32 7.97 34.52
C GLY A 142 -0.52 6.55 35.00
N VAL A 143 -1.05 5.69 34.14
CA VAL A 143 -1.24 4.29 34.46
C VAL A 143 -0.14 3.44 33.87
N ASP A 144 0.29 2.41 34.59
CA ASP A 144 1.39 1.55 34.13
C ASP A 144 1.12 0.05 34.20
N PHE A 145 1.74 -0.70 33.28
CA PHE A 145 1.68 -2.16 33.35
C PHE A 145 3.11 -2.72 33.50
N GLU A 146 3.50 -3.01 34.73
CA GLU A 146 4.83 -3.49 35.01
C GLU A 146 4.84 -5.02 35.16
N ILE A 147 5.87 -5.63 34.59
CA ILE A 147 6.10 -7.05 34.81
C ILE A 147 7.36 -7.26 35.61
N ARG A 148 7.21 -7.77 36.81
CA ARG A 148 8.36 -8.09 37.64
C ARG A 148 8.60 -9.59 37.57
N ALA A 149 9.85 -9.99 37.82
CA ALA A 149 10.23 -11.39 37.76
C ALA A 149 11.51 -11.64 38.55
N PHE A 150 11.41 -12.47 39.57
CA PHE A 150 12.45 -12.57 40.58
C PHE A 150 12.31 -13.89 41.34
N CYS A 151 13.32 -14.21 42.15
CA CYS A 151 13.24 -15.40 43.02
C CYS A 151 13.34 -15.10 44.52
N ALA A 152 12.90 -16.09 45.29
CA ALA A 152 12.69 -15.94 46.72
C ALA A 152 11.87 -17.14 47.15
N LYS A 153 11.94 -17.51 48.42
CA LYS A 153 11.27 -18.74 48.86
C LYS A 153 9.74 -18.65 48.77
N SER A 154 9.19 -17.47 48.99
CA SER A 154 7.75 -17.24 48.82
C SER A 154 7.50 -15.82 48.35
N LEU A 155 6.22 -15.49 48.15
CA LEU A 155 5.85 -14.19 47.62
C LEU A 155 6.09 -13.00 48.55
N GLU A 156 5.78 -13.16 49.83
CA GLU A 156 5.95 -12.07 50.80
C GLU A 156 7.41 -11.80 51.19
N GLU A 157 8.32 -12.09 50.26
CA GLU A 157 9.71 -11.69 50.37
C GLU A 157 10.15 -11.37 48.96
N LYS A 158 10.79 -10.23 48.78
CA LYS A 158 11.24 -9.84 47.46
C LYS A 158 12.72 -9.48 47.47
N SER A 159 13.12 -8.63 46.54
CA SER A 159 14.49 -8.12 46.50
C SER A 159 14.53 -6.90 45.61
N HIS A 160 15.25 -5.87 46.04
CA HIS A 160 15.47 -4.70 45.18
C HIS A 160 15.89 -5.25 43.82
N LYS A 161 15.72 -4.45 42.78
CA LYS A 161 15.82 -4.94 41.41
C LYS A 161 16.96 -5.95 41.14
N ARG A 162 18.04 -5.85 41.89
CA ARG A 162 19.25 -6.64 41.63
C ARG A 162 19.00 -8.06 41.13
N ASN A 163 18.21 -8.84 41.88
CA ASN A 163 17.94 -10.22 41.48
C ASN A 163 16.58 -10.36 40.80
N SER A 164 15.93 -9.22 40.59
CA SER A 164 14.65 -9.21 39.90
C SER A 164 14.79 -8.56 38.53
N VAL A 165 13.70 -8.51 37.79
CA VAL A 165 13.67 -7.79 36.53
C VAL A 165 12.40 -6.95 36.46
N ARG A 166 12.56 -5.66 36.26
CA ARG A 166 11.41 -4.79 36.05
C ARG A 166 11.36 -4.43 34.56
N LEU A 167 10.19 -4.54 33.97
CA LEU A 167 9.96 -3.98 32.65
C LEU A 167 8.48 -3.70 32.47
N VAL A 168 8.19 -2.79 31.56
CA VAL A 168 6.87 -2.21 31.48
C VAL A 168 6.25 -2.40 30.10
N ILE A 169 5.03 -2.92 30.05
CA ILE A 169 4.37 -3.21 28.78
C ILE A 169 3.26 -2.19 28.49
N ARG A 170 2.86 -2.06 27.22
CA ARG A 170 1.72 -1.20 26.88
C ARG A 170 0.47 -1.99 26.64
N LYS A 171 -0.64 -1.47 27.13
CA LYS A 171 -1.95 -1.96 26.77
C LYS A 171 -2.58 -0.89 25.92
N VAL A 172 -2.68 -1.15 24.62
CA VAL A 172 -3.24 -0.19 23.71
C VAL A 172 -4.69 -0.55 23.42
N GLN A 173 -5.52 0.48 23.31
CA GLN A 173 -6.93 0.30 23.02
C GLN A 173 -7.21 0.29 21.53
N PHE A 174 -7.81 -0.81 21.06
CA PHE A 174 -8.33 -0.84 19.70
C PHE A 174 -9.84 -0.95 19.72
N ALA A 175 -10.47 -0.39 18.70
CA ALA A 175 -11.93 -0.45 18.56
C ALA A 175 -12.30 -0.37 17.08
N PRO A 176 -13.41 -1.01 16.69
CA PRO A 176 -13.81 -1.18 15.27
C PRO A 176 -14.55 0.03 14.75
N GLU A 177 -14.49 0.27 13.44
CA GLU A 177 -15.28 1.32 12.83
C GLU A 177 -16.73 0.92 12.85
N LYS A 178 -17.52 1.54 13.72
CA LYS A 178 -18.95 1.26 13.73
C LYS A 178 -19.70 2.18 12.77
N PRO A 179 -20.65 1.61 12.01
CA PRO A 179 -21.42 2.43 11.09
C PRO A 179 -22.26 3.41 11.88
N GLY A 180 -22.70 4.47 11.22
CA GLY A 180 -23.51 5.46 11.87
C GLY A 180 -23.19 6.81 11.32
N PRO A 181 -23.84 7.85 11.88
CA PRO A 181 -23.87 9.22 11.39
C PRO A 181 -22.50 9.87 11.45
N GLN A 182 -22.20 10.72 10.47
CA GLN A 182 -20.98 11.49 10.43
C GLN A 182 -20.91 12.38 11.66
N PRO A 183 -19.74 12.44 12.33
CA PRO A 183 -19.59 13.33 13.48
C PRO A 183 -20.54 14.46 13.29
N SER A 184 -21.61 14.42 14.09
CA SER A 184 -22.70 15.35 13.98
C SER A 184 -22.05 16.56 13.39
N ALA A 185 -22.49 16.90 12.20
CA ALA A 185 -22.19 18.21 11.69
C ALA A 185 -22.14 19.16 12.92
N GLU A 186 -21.75 20.40 12.71
CA GLU A 186 -21.97 21.35 13.76
C GLU A 186 -22.57 22.58 13.13
N THR A 187 -23.71 22.98 13.66
CA THR A 187 -24.39 24.14 13.16
C THR A 187 -24.07 25.22 14.20
N THR A 188 -24.26 26.49 13.83
CA THR A 188 -24.17 27.62 14.77
C THR A 188 -24.40 28.93 14.02
N ARG A 189 -25.25 29.80 14.58
CA ARG A 189 -25.43 31.17 14.10
C ARG A 189 -24.98 32.22 15.12
N HIS A 190 -24.26 33.26 14.66
CA HIS A 190 -23.89 34.42 15.49
C HIS A 190 -24.54 35.67 14.87
N PHE A 191 -25.45 36.33 15.58
CA PHE A 191 -25.83 37.68 15.20
C PHE A 191 -24.82 38.64 15.86
N LEU A 192 -24.10 39.42 15.07
CA LEU A 192 -23.02 40.23 15.63
C LEU A 192 -23.48 41.61 16.14
N MET A 193 -24.65 42.09 15.72
CA MET A 193 -25.12 43.42 16.13
C MET A 193 -26.49 43.78 15.58
N SER A 194 -26.89 43.03 14.55
CA SER A 194 -28.12 43.25 13.83
C SER A 194 -28.94 41.97 13.79
N ASP A 195 -29.68 41.77 12.72
CA ASP A 195 -30.45 40.54 12.55
C ASP A 195 -29.84 39.68 11.44
N ARG A 196 -28.62 40.02 11.00
CA ARG A 196 -27.97 39.30 9.90
C ARG A 196 -26.89 38.30 10.33
N SER A 197 -27.12 37.03 10.02
CA SER A 197 -26.39 35.92 10.64
C SER A 197 -25.15 35.45 9.91
N LEU A 198 -24.11 35.16 10.66
CA LEU A 198 -23.00 34.43 10.11
C LEU A 198 -23.21 32.99 10.52
N HIS A 199 -23.43 32.11 9.55
CA HIS A 199 -23.75 30.72 9.86
C HIS A 199 -22.60 29.78 9.55
N LEU A 200 -22.30 28.87 10.49
CA LEU A 200 -21.19 27.96 10.34
C LEU A 200 -21.67 26.53 10.50
N GLU A 201 -21.06 25.64 9.73
CA GLU A 201 -21.53 24.26 9.59
C GLU A 201 -20.36 23.39 9.20
N ALA A 202 -20.13 22.32 9.95
CA ALA A 202 -18.99 21.43 9.65
C ALA A 202 -19.25 19.96 9.96
N SER A 203 -18.45 19.07 9.38
CA SER A 203 -18.64 17.63 9.58
C SER A 203 -17.35 16.88 9.36
N LEU A 204 -17.30 15.66 9.90
CA LEU A 204 -16.16 14.78 9.67
C LEU A 204 -16.62 13.59 8.83
N ASP A 205 -15.67 12.94 8.15
CA ASP A 205 -16.03 11.77 7.34
C ASP A 205 -16.51 10.60 8.19
N LYS A 206 -15.83 10.34 9.30
CA LYS A 206 -16.33 9.36 10.27
C LYS A 206 -16.13 9.75 11.73
N GLU A 207 -16.65 8.91 12.63
CA GLU A 207 -16.62 9.18 14.06
C GLU A 207 -15.36 8.64 14.72
N LEU A 208 -14.70 7.66 14.10
CA LEU A 208 -13.54 6.99 14.69
C LEU A 208 -12.31 6.97 13.79
N TYR A 209 -11.15 7.23 14.36
CA TYR A 209 -9.94 7.28 13.56
C TYR A 209 -8.84 6.49 14.23
N TYR A 210 -7.80 6.15 13.49
CA TYR A 210 -6.69 5.42 14.09
C TYR A 210 -5.45 6.27 13.98
N HIS A 211 -4.43 5.93 14.76
CA HIS A 211 -3.24 6.73 14.77
C HIS A 211 -2.68 6.74 13.36
N GLY A 212 -2.56 7.94 12.79
CA GLY A 212 -1.98 8.12 11.47
C GLY A 212 -3.04 8.57 10.50
N GLU A 213 -4.21 7.94 10.59
CA GLU A 213 -5.33 8.27 9.73
C GLU A 213 -5.54 9.77 9.70
N PRO A 214 -5.85 10.32 8.52
CA PRO A 214 -6.19 11.73 8.49
C PRO A 214 -7.67 11.87 8.69
N LEU A 215 -8.13 13.10 8.86
CA LEU A 215 -9.55 13.36 8.97
C LEU A 215 -9.82 14.42 7.93
N ASN A 216 -11.02 14.38 7.35
CA ASN A 216 -11.41 15.39 6.40
C ASN A 216 -12.52 16.23 6.94
N VAL A 217 -12.15 17.35 7.52
CA VAL A 217 -13.14 18.26 8.05
C VAL A 217 -13.85 19.00 6.91
N ASN A 218 -15.15 18.79 6.81
CA ASN A 218 -15.89 19.52 5.82
C ASN A 218 -16.56 20.74 6.40
N VAL A 219 -16.32 21.90 5.81
CA VAL A 219 -16.75 23.17 6.39
C VAL A 219 -17.61 24.00 5.44
N HIS A 220 -18.77 24.43 5.91
CA HIS A 220 -19.57 25.35 5.12
C HIS A 220 -19.97 26.62 5.84
N VAL A 221 -19.63 27.75 5.25
CA VAL A 221 -19.93 29.05 5.79
C VAL A 221 -20.95 29.86 5.00
N THR A 222 -22.08 30.19 5.62
CA THR A 222 -23.06 31.07 5.00
C THR A 222 -23.07 32.46 5.65
N ASN A 223 -22.19 33.34 5.16
CA ASN A 223 -22.01 34.66 5.77
C ASN A 223 -22.90 35.78 5.22
N ASN A 224 -24.11 35.92 5.78
CA ASN A 224 -24.99 37.05 5.49
C ASN A 224 -24.69 38.23 6.40
N SER A 225 -23.74 38.04 7.29
CA SER A 225 -23.32 39.07 8.22
C SER A 225 -22.78 40.32 7.52
N THR A 226 -22.38 41.28 8.32
CA THR A 226 -21.80 42.51 7.81
C THR A 226 -20.28 42.53 8.00
N LYS A 227 -19.78 41.56 8.76
CA LYS A 227 -18.36 41.51 9.05
C LYS A 227 -17.63 40.69 8.00
N THR A 228 -16.33 40.50 8.18
CA THR A 228 -15.55 39.73 7.24
C THR A 228 -14.76 38.63 7.94
N VAL A 229 -14.73 37.44 7.35
CA VAL A 229 -13.97 36.35 7.92
C VAL A 229 -12.51 36.36 7.46
N LYS A 230 -11.63 36.82 8.31
CA LYS A 230 -10.26 37.05 7.89
C LYS A 230 -9.57 35.70 7.66
N LYS A 231 -9.61 34.82 8.65
CA LYS A 231 -9.13 33.46 8.42
C LYS A 231 -9.98 32.33 8.97
N ILE A 232 -9.61 31.12 8.58
CA ILE A 232 -10.31 29.94 9.01
C ILE A 232 -9.28 28.97 9.57
N LYS A 233 -9.32 28.76 10.88
CA LYS A 233 -8.31 27.93 11.52
C LYS A 233 -8.98 26.67 11.94
N VAL A 234 -8.37 25.54 11.59
CA VAL A 234 -8.95 24.21 11.80
C VAL A 234 -7.98 23.38 12.60
N SER A 235 -8.40 22.86 13.75
CA SER A 235 -7.45 22.21 14.66
C SER A 235 -8.03 20.97 15.33
N VAL A 236 -7.14 20.21 15.98
CA VAL A 236 -7.57 19.08 16.79
C VAL A 236 -7.15 19.29 18.22
N ARG A 237 -8.09 19.16 19.15
CA ARG A 237 -7.77 19.38 20.55
C ARG A 237 -7.94 18.10 21.36
N GLN A 238 -7.04 17.93 22.32
CA GLN A 238 -7.08 16.83 23.27
C GLN A 238 -7.58 17.36 24.58
N TYR A 239 -8.29 16.51 25.30
CA TYR A 239 -8.82 16.89 26.58
C TYR A 239 -8.57 15.78 27.55
N ALA A 240 -7.70 16.04 28.52
CA ALA A 240 -7.26 15.04 29.46
C ALA A 240 -7.59 15.45 30.89
N ASP A 241 -8.42 14.66 31.56
CA ASP A 241 -8.78 15.02 32.93
C ASP A 241 -8.31 13.97 33.96
N ILE A 242 -7.37 14.35 34.84
CA ILE A 242 -7.01 13.53 36.00
C ILE A 242 -8.21 13.29 36.90
N CYS A 243 -8.40 12.04 37.30
CA CYS A 243 -9.57 11.67 38.08
C CYS A 243 -9.20 11.10 39.40
N LEU A 244 -7.90 11.08 39.68
CA LEU A 244 -7.47 10.57 40.95
C LEU A 244 -6.58 11.59 41.61
N PHE A 245 -6.87 11.90 42.88
CA PHE A 245 -5.90 12.56 43.72
C PHE A 245 -5.68 14.05 43.44
N SER A 246 -5.49 14.42 42.17
CA SER A 246 -5.44 15.83 41.83
C SER A 246 -6.22 16.12 40.57
N THR A 247 -7.54 15.99 40.65
CA THR A 247 -8.42 16.67 39.73
C THR A 247 -7.69 17.82 39.02
N ALA A 248 -7.80 17.87 37.70
CA ALA A 248 -6.99 18.77 36.89
C ALA A 248 -7.43 18.55 35.48
N GLN A 249 -7.22 19.52 34.59
CA GLN A 249 -7.73 19.35 33.23
C GLN A 249 -6.92 20.04 32.16
N TYR A 250 -6.13 19.26 31.47
CA TYR A 250 -5.36 19.75 30.37
C TYR A 250 -6.27 19.81 29.15
N LYS A 251 -6.24 20.94 28.47
CA LYS A 251 -6.85 21.12 27.17
C LYS A 251 -5.68 21.49 26.28
N CYS A 252 -5.62 20.96 25.06
CA CYS A 252 -4.47 21.26 24.23
C CYS A 252 -4.65 20.84 22.78
N PRO A 253 -4.36 21.75 21.84
CA PRO A 253 -4.32 21.45 20.40
C PRO A 253 -3.11 20.56 20.08
N VAL A 254 -3.33 19.53 19.26
CA VAL A 254 -2.24 18.61 18.88
C VAL A 254 -2.09 18.57 17.38
N ALA A 255 -2.85 19.43 16.70
CA ALA A 255 -2.82 19.55 15.24
C ALA A 255 -3.57 20.80 14.81
N GLN A 256 -3.12 21.40 13.72
CA GLN A 256 -3.55 22.75 13.41
C GLN A 256 -3.26 23.07 11.97
N VAL A 257 -4.32 23.34 11.23
CA VAL A 257 -4.25 23.61 9.82
C VAL A 257 -4.81 24.99 9.56
N GLU A 258 -4.26 25.70 8.59
CA GLU A 258 -4.85 26.96 8.18
C GLU A 258 -4.33 27.37 6.81
N GLN A 259 -5.21 28.00 6.05
CA GLN A 259 -4.80 28.58 4.79
C GLN A 259 -5.15 30.04 4.72
N ASP A 260 -4.99 30.57 3.52
CA ASP A 260 -5.42 31.89 3.21
C ASP A 260 -6.88 31.77 2.80
N ASP A 261 -7.77 31.66 3.78
CA ASP A 261 -9.20 31.53 3.49
C ASP A 261 -10.02 32.61 4.13
N GLN A 262 -10.64 33.45 3.30
CA GLN A 262 -11.41 34.60 3.72
C GLN A 262 -12.84 34.44 3.22
N VAL A 263 -13.81 35.06 3.90
CA VAL A 263 -15.23 34.96 3.51
C VAL A 263 -15.96 36.30 3.66
N SER A 264 -16.50 36.80 2.57
CA SER A 264 -17.04 38.16 2.57
C SER A 264 -18.50 38.23 3.03
N PRO A 265 -18.94 39.43 3.45
CA PRO A 265 -20.35 39.62 3.82
C PRO A 265 -21.21 39.33 2.62
N SER A 266 -22.35 38.70 2.84
CA SER A 266 -23.23 38.26 1.77
C SER A 266 -22.51 37.32 0.81
N SER A 267 -21.61 36.51 1.37
CA SER A 267 -20.96 35.47 0.59
C SER A 267 -21.35 34.07 1.08
N THR A 268 -20.71 33.07 0.49
CA THR A 268 -20.91 31.71 0.91
C THR A 268 -19.61 31.02 0.59
N PHE A 269 -19.19 30.15 1.49
CA PHE A 269 -17.89 29.52 1.33
C PHE A 269 -17.91 28.10 1.82
N CYS A 270 -17.20 27.24 1.13
CA CYS A 270 -17.19 25.84 1.53
C CYS A 270 -15.90 25.24 1.07
N LYS A 271 -15.50 24.18 1.76
CA LYS A 271 -14.17 23.63 1.61
C LYS A 271 -13.94 22.47 2.55
N VAL A 272 -12.98 21.62 2.20
CA VAL A 272 -12.65 20.49 3.05
C VAL A 272 -11.19 20.54 3.51
N TYR A 273 -10.99 20.53 4.82
CA TYR A 273 -9.64 20.51 5.34
C TYR A 273 -9.26 19.09 5.72
N THR A 274 -8.02 18.73 5.43
CA THR A 274 -7.49 17.46 5.83
C THR A 274 -6.54 17.72 6.96
N ILE A 275 -6.80 17.08 8.09
CA ILE A 275 -6.00 17.33 9.29
C ILE A 275 -5.51 16.03 9.91
N THR A 276 -4.26 16.00 10.33
CA THR A 276 -3.73 14.77 10.90
C THR A 276 -3.05 15.05 12.23
N PRO A 277 -3.59 14.46 13.30
CA PRO A 277 -3.10 14.59 14.66
C PRO A 277 -1.99 13.61 14.96
N LEU A 278 -0.77 14.12 15.07
CA LEU A 278 0.33 13.23 15.36
C LEU A 278 1.16 13.76 16.49
N LEU A 279 1.41 12.90 17.48
CA LEU A 279 2.36 13.25 18.53
C LEU A 279 3.66 13.72 17.92
N SER A 280 4.00 13.21 16.74
CA SER A 280 5.28 13.51 16.12
C SER A 280 5.32 14.96 15.61
N ASN A 281 4.15 15.56 15.41
CA ASN A 281 4.10 16.93 14.93
C ASN A 281 4.04 17.93 16.07
N ASN A 282 4.39 17.49 17.27
CA ASN A 282 4.35 18.35 18.45
C ASN A 282 5.71 18.46 19.12
N ARG A 283 6.28 19.65 19.10
CA ARG A 283 7.56 19.83 19.74
C ARG A 283 7.35 19.71 21.24
N GLU A 284 6.63 20.66 21.82
CA GLU A 284 6.47 20.64 23.26
C GLU A 284 5.41 19.65 23.70
N LYS A 285 5.80 18.66 24.50
CA LYS A 285 4.82 17.75 25.05
C LYS A 285 3.72 18.55 25.71
N ARG A 286 4.10 19.61 26.39
CA ARG A 286 3.21 20.33 27.28
C ARG A 286 2.48 19.32 28.11
N GLY A 287 1.32 19.70 28.64
CA GLY A 287 0.47 18.78 29.39
C GLY A 287 -0.34 17.92 28.44
N LEU A 288 0.34 16.99 27.80
CA LEU A 288 -0.29 16.12 26.84
C LEU A 288 -0.48 14.72 27.45
N ALA A 289 -1.42 13.95 26.90
CA ALA A 289 -1.65 12.57 27.35
C ALA A 289 -1.12 11.55 26.35
N LEU A 290 -0.01 10.92 26.67
CA LEU A 290 0.54 9.91 25.78
C LEU A 290 0.14 8.47 26.16
N ASP A 291 0.55 7.52 25.33
CA ASP A 291 0.30 6.11 25.66
C ASP A 291 1.60 5.46 26.12
N GLY A 292 2.65 6.24 26.30
CA GLY A 292 3.88 5.78 26.91
C GLY A 292 4.91 6.89 27.06
N LYS A 293 6.07 6.56 27.63
CA LYS A 293 7.12 7.55 27.80
C LYS A 293 7.30 8.37 26.51
N LEU A 294 7.39 9.68 26.71
CA LEU A 294 7.68 10.67 25.67
C LEU A 294 8.92 10.37 24.81
N LYS A 295 10.00 9.95 25.44
CA LYS A 295 11.26 9.74 24.74
C LYS A 295 11.21 8.62 23.71
N HIS A 296 10.27 7.71 23.89
CA HIS A 296 10.17 6.51 23.05
C HIS A 296 9.57 6.76 21.65
N GLU A 297 10.28 6.34 20.60
CA GLU A 297 9.81 6.54 19.21
C GLU A 297 8.40 5.98 18.97
N ASP A 298 8.11 4.84 19.60
CA ASP A 298 6.84 4.15 19.35
C ASP A 298 5.65 4.74 20.10
N THR A 299 5.88 5.84 20.81
CA THR A 299 4.80 6.52 21.50
C THR A 299 3.91 7.39 20.59
N ASN A 300 2.62 7.43 20.97
CA ASN A 300 1.56 8.12 20.24
C ASN A 300 0.73 9.01 21.18
N LEU A 301 -0.09 9.91 20.65
CA LEU A 301 -1.08 10.54 21.51
C LEU A 301 -1.91 9.44 22.15
N ALA A 302 -2.31 9.63 23.41
CA ALA A 302 -3.14 8.66 24.10
C ALA A 302 -4.47 8.41 23.39
N SER A 303 -4.86 7.16 23.29
CA SER A 303 -6.13 6.79 22.70
C SER A 303 -7.34 7.27 23.51
N SER A 304 -8.37 7.79 22.85
CA SER A 304 -9.65 8.12 23.49
C SER A 304 -9.93 7.06 24.53
N THR A 305 -10.49 7.44 25.65
CA THR A 305 -10.72 6.43 26.66
C THR A 305 -12.12 5.98 26.50
N ILE A 306 -12.30 4.66 26.50
CA ILE A 306 -13.54 4.03 26.09
C ILE A 306 -14.66 4.05 27.12
N VAL A 307 -15.86 4.41 26.65
CA VAL A 307 -17.13 4.37 27.38
C VAL A 307 -17.10 3.54 28.67
N LYS A 308 -16.21 2.54 28.72
CA LYS A 308 -15.63 2.07 29.98
C LYS A 308 -15.98 0.68 30.47
N GLU A 309 -16.57 -0.13 29.61
CA GLU A 309 -16.79 -1.54 29.95
C GLU A 309 -17.48 -1.73 31.32
N GLY A 310 -16.77 -2.37 32.26
CA GLY A 310 -17.41 -2.85 33.48
C GLY A 310 -16.96 -2.37 34.85
N ALA A 311 -15.78 -1.74 34.95
CA ALA A 311 -15.30 -1.30 36.27
C ALA A 311 -15.57 0.18 36.56
N ASN A 312 -15.35 1.03 35.56
CA ASN A 312 -15.83 2.41 35.61
C ASN A 312 -15.07 3.38 36.51
N LYS A 313 -15.50 4.63 36.47
CA LYS A 313 -15.23 5.61 37.52
C LYS A 313 -13.89 6.33 37.49
N GLU A 314 -13.56 6.87 38.66
CA GLU A 314 -12.25 7.39 39.00
C GLU A 314 -11.20 6.48 38.46
N VAL A 315 -11.41 5.18 38.68
CA VAL A 315 -10.48 4.07 38.45
C VAL A 315 -9.95 3.89 37.00
N LEU A 316 -10.19 4.88 36.16
CA LEU A 316 -9.45 4.94 34.91
C LEU A 316 -8.27 5.91 35.01
N GLY A 317 -8.14 6.60 36.14
CA GLY A 317 -7.01 7.48 36.36
C GLY A 317 -7.06 8.76 35.52
N ILE A 318 -6.60 8.69 34.27
CA ILE A 318 -6.80 9.82 33.40
C ILE A 318 -7.92 9.53 32.35
N LEU A 319 -8.50 10.59 31.81
CA LEU A 319 -9.69 10.51 30.98
C LEU A 319 -9.53 11.27 29.66
N VAL A 320 -8.69 10.76 28.78
CA VAL A 320 -8.45 11.35 27.44
C VAL A 320 -9.64 11.34 26.46
N SER A 321 -9.69 12.34 25.58
CA SER A 321 -10.84 12.55 24.68
C SER A 321 -10.52 13.60 23.62
N TYR A 322 -11.13 13.51 22.43
CA TYR A 322 -10.74 14.46 21.36
C TYR A 322 -11.83 15.27 20.69
N ARG A 323 -11.39 16.38 20.11
CA ARG A 323 -12.28 17.23 19.37
C ARG A 323 -11.64 17.97 18.22
N VAL A 324 -12.36 18.03 17.10
CA VAL A 324 -11.94 18.95 16.06
C VAL A 324 -12.59 20.26 16.37
N LYS A 325 -11.85 21.33 16.13
CA LYS A 325 -12.39 22.68 16.21
C LYS A 325 -12.23 23.44 14.89
N VAL A 326 -13.33 24.00 14.43
CA VAL A 326 -13.35 24.87 13.26
C VAL A 326 -13.68 26.26 13.76
N LYS A 327 -12.73 27.19 13.61
CA LYS A 327 -12.91 28.59 14.03
C LYS A 327 -12.76 29.58 12.90
N LEU A 328 -13.68 30.54 12.85
CA LEU A 328 -13.64 31.64 11.90
C LEU A 328 -13.18 32.94 12.56
N VAL A 329 -11.95 33.33 12.29
CA VAL A 329 -11.44 34.61 12.79
C VAL A 329 -12.19 35.75 12.10
N VAL A 330 -12.57 36.75 12.90
CA VAL A 330 -13.46 37.79 12.41
C VAL A 330 -12.93 39.19 12.60
N SER A 331 -12.96 39.95 11.52
CA SER A 331 -12.27 41.22 11.43
C SER A 331 -12.80 42.20 12.46
N ARG A 332 -14.01 42.69 12.22
CA ARG A 332 -14.58 43.68 13.11
C ARG A 332 -14.76 43.05 14.49
N GLY A 333 -14.21 41.85 14.62
CA GLY A 333 -14.06 41.19 15.91
C GLY A 333 -15.11 40.16 16.25
N GLY A 334 -14.76 39.25 17.17
CA GLY A 334 -15.67 38.25 17.70
C GLY A 334 -15.60 37.01 16.85
N ASP A 335 -15.19 35.88 17.43
CA ASP A 335 -14.90 34.71 16.59
C ASP A 335 -15.89 33.54 16.67
N VAL A 336 -16.39 33.10 15.51
CA VAL A 336 -17.37 32.03 15.43
C VAL A 336 -16.79 30.61 15.28
N SER A 337 -17.23 29.66 16.10
CA SER A 337 -16.65 28.33 16.12
C SER A 337 -17.64 27.18 16.26
N VAL A 338 -17.15 25.96 16.04
CA VAL A 338 -17.88 24.76 16.39
C VAL A 338 -16.89 23.66 16.76
N GLU A 339 -17.38 22.68 17.52
CA GLU A 339 -16.53 21.58 17.92
C GLU A 339 -17.17 20.26 17.59
N LEU A 340 -16.39 19.39 16.99
CA LEU A 340 -16.90 18.10 16.55
C LEU A 340 -16.11 17.02 17.27
N PRO A 341 -16.79 16.27 18.13
CA PRO A 341 -16.14 15.22 18.94
C PRO A 341 -15.91 13.94 18.16
N PHE A 342 -14.74 13.34 18.32
CA PHE A 342 -14.40 12.14 17.60
C PHE A 342 -13.57 11.23 18.48
N VAL A 343 -13.50 9.98 18.10
CA VAL A 343 -12.73 9.08 18.92
C VAL A 343 -11.52 8.60 18.14
N LEU A 344 -10.39 8.51 18.83
CA LEU A 344 -9.14 8.19 18.21
C LEU A 344 -8.62 6.89 18.84
N MET A 345 -8.68 5.78 18.12
CA MET A 345 -8.15 4.55 18.64
C MET A 345 -6.79 4.20 18.05
N HIS A 346 -6.10 3.28 18.75
CA HIS A 346 -4.91 2.60 18.29
C HIS A 346 -5.19 1.70 17.07
N PRO A 347 -4.37 1.83 16.03
CA PRO A 347 -4.56 1.08 14.79
C PRO A 347 -4.51 -0.41 15.04
N LYS A 348 -5.22 -1.16 14.20
CA LYS A 348 -5.01 -2.59 14.07
C LYS A 348 -5.33 -3.08 12.66
N PRO A 349 -5.77 -2.16 11.77
CA PRO A 349 -5.64 -2.54 10.36
C PRO A 349 -4.15 -2.74 9.99
N HIS A 350 -3.30 -2.84 11.01
CA HIS A 350 -1.87 -3.10 10.85
C HIS A 350 -1.59 -4.53 10.36
N ASP A 385 12.86 -18.99 12.80
CA ASP A 385 14.14 -18.30 12.76
C ASP A 385 14.16 -17.15 13.77
N ILE A 386 13.72 -17.45 14.99
CA ILE A 386 13.70 -16.52 16.12
C ILE A 386 14.91 -15.56 16.22
N VAL A 387 14.64 -14.25 16.36
CA VAL A 387 15.70 -13.23 16.50
C VAL A 387 15.49 -12.31 17.72
N PHE A 388 16.48 -12.31 18.62
CA PHE A 388 16.35 -11.57 19.87
C PHE A 388 16.66 -10.09 19.71
N GLU A 389 15.70 -9.26 20.07
CA GLU A 389 15.84 -7.83 19.96
C GLU A 389 15.66 -7.29 21.35
N ASP A 390 16.48 -6.33 21.76
CA ASP A 390 16.38 -5.76 23.10
C ASP A 390 15.03 -5.14 23.37
N PHE A 391 14.42 -5.53 24.49
CA PHE A 391 13.08 -5.08 24.82
C PHE A 391 12.94 -3.56 25.01
N ALA A 392 13.81 -2.99 25.85
CA ALA A 392 13.66 -1.60 26.27
C ALA A 392 13.83 -0.65 25.10
N ARG A 393 12.74 0.02 24.74
CA ARG A 393 12.63 0.81 23.52
C ARG A 393 13.54 2.05 23.54
N GLY B 6 -1.33 -32.62 -16.74
CA GLY B 6 0.11 -32.64 -16.62
C GLY B 6 0.79 -31.37 -17.09
N THR B 7 1.50 -31.48 -18.23
CA THR B 7 2.36 -30.41 -18.74
C THR B 7 1.98 -30.04 -20.19
N ARG B 8 2.35 -28.83 -20.63
CA ARG B 8 1.95 -28.36 -21.95
C ARG B 8 3.10 -27.77 -22.79
N VAL B 9 3.22 -28.26 -24.01
CA VAL B 9 4.29 -27.85 -24.92
C VAL B 9 3.76 -27.55 -26.32
N PHE B 10 4.21 -26.40 -26.86
CA PHE B 10 3.67 -25.86 -28.10
C PHE B 10 4.53 -26.24 -29.27
N LYS B 11 3.87 -26.66 -30.33
CA LYS B 11 4.55 -27.25 -31.45
C LYS B 11 4.00 -26.69 -32.73
N LYS B 12 4.89 -26.22 -33.59
CA LYS B 12 4.53 -25.86 -34.95
C LYS B 12 5.58 -26.48 -35.81
N SER B 13 5.16 -27.23 -36.81
CA SER B 13 6.11 -27.89 -37.70
C SER B 13 6.25 -27.07 -38.99
N SER B 14 7.42 -27.17 -39.62
CA SER B 14 7.61 -26.65 -40.96
C SER B 14 6.48 -27.29 -41.74
N PRO B 15 6.14 -26.73 -42.89
CA PRO B 15 4.97 -27.24 -43.62
C PRO B 15 5.23 -28.53 -44.40
N ASN B 16 6.48 -28.87 -44.67
CA ASN B 16 6.80 -29.88 -45.69
C ASN B 16 6.70 -31.42 -45.45
N CYS B 17 6.85 -31.96 -44.22
CA CYS B 17 7.05 -31.24 -42.97
C CYS B 17 7.93 -32.06 -42.00
N LYS B 18 9.21 -32.18 -42.33
CA LYS B 18 10.16 -32.95 -41.53
C LYS B 18 10.77 -32.14 -40.40
N LEU B 19 10.51 -30.82 -40.43
CA LEU B 19 11.05 -29.91 -39.45
C LEU B 19 9.89 -29.45 -38.57
N THR B 20 10.11 -29.44 -37.26
CA THR B 20 9.07 -29.10 -36.30
C THR B 20 9.73 -28.44 -35.10
N VAL B 21 9.07 -27.45 -34.52
CA VAL B 21 9.64 -26.68 -33.43
C VAL B 21 8.76 -26.82 -32.16
N TYR B 22 9.41 -26.83 -31.00
CA TYR B 22 8.74 -27.05 -29.71
C TYR B 22 9.20 -26.04 -28.65
N LEU B 23 8.25 -25.61 -27.81
CA LEU B 23 8.56 -24.60 -26.79
C LEU B 23 7.72 -24.69 -25.52
N GLY B 24 8.33 -24.35 -24.39
CA GLY B 24 7.66 -24.36 -23.09
C GLY B 24 6.64 -23.24 -22.95
N LYS B 25 7.12 -22.00 -22.94
CA LYS B 25 6.23 -20.83 -22.86
C LYS B 25 5.75 -20.44 -24.25
N ARG B 26 4.73 -19.59 -24.31
CA ARG B 26 4.32 -18.96 -25.56
C ARG B 26 4.81 -17.51 -25.54
N ASP B 27 4.91 -16.98 -24.34
CA ASP B 27 5.26 -15.59 -24.09
C ASP B 27 6.43 -15.55 -23.11
N PHE B 28 7.28 -14.54 -23.21
CA PHE B 28 8.46 -14.48 -22.37
C PHE B 28 8.53 -13.14 -21.65
N VAL B 29 8.93 -13.16 -20.39
CA VAL B 29 8.83 -11.96 -19.56
C VAL B 29 10.14 -11.17 -19.38
N ASP B 30 10.07 -9.88 -19.67
CA ASP B 30 11.17 -8.96 -19.37
C ASP B 30 10.95 -8.49 -17.94
N HIS B 31 11.94 -8.75 -17.09
CA HIS B 31 11.86 -8.41 -15.68
C HIS B 31 12.53 -7.06 -15.42
N LEU B 32 12.89 -6.40 -16.51
CA LEU B 32 13.78 -5.25 -16.48
C LEU B 32 15.20 -5.74 -16.28
N ASP B 33 15.48 -6.33 -15.11
CA ASP B 33 16.80 -6.91 -14.87
C ASP B 33 17.11 -8.09 -15.80
N LYS B 34 16.09 -8.75 -16.33
CA LYS B 34 16.32 -9.98 -17.10
C LYS B 34 15.09 -10.51 -17.82
N VAL B 35 15.32 -11.23 -18.91
CA VAL B 35 14.23 -11.78 -19.71
C VAL B 35 14.21 -13.30 -19.63
N ASP B 36 13.02 -13.88 -19.51
CA ASP B 36 12.87 -15.34 -19.53
C ASP B 36 13.68 -15.93 -20.66
N PRO B 37 14.42 -17.00 -20.38
CA PRO B 37 15.30 -17.59 -21.38
C PRO B 37 14.52 -18.40 -22.40
N VAL B 38 15.01 -18.46 -23.64
CA VAL B 38 14.39 -19.29 -24.68
C VAL B 38 15.04 -20.66 -24.75
N ASP B 39 14.29 -21.64 -24.26
CA ASP B 39 14.67 -23.03 -24.31
C ASP B 39 13.70 -23.72 -25.26
N GLY B 40 14.22 -24.31 -26.34
CA GLY B 40 13.36 -24.89 -27.35
C GLY B 40 13.79 -26.28 -27.79
N VAL B 41 13.07 -26.84 -28.76
CA VAL B 41 13.43 -28.12 -29.34
C VAL B 41 13.03 -28.16 -30.81
N VAL B 42 13.95 -28.63 -31.66
CA VAL B 42 13.66 -28.76 -33.08
C VAL B 42 13.79 -30.21 -33.55
N LEU B 43 12.97 -30.60 -34.52
CA LEU B 43 12.96 -31.98 -35.01
C LEU B 43 12.96 -32.16 -36.52
N VAL B 44 14.07 -32.62 -37.07
CA VAL B 44 14.10 -33.20 -38.41
C VAL B 44 15.03 -34.39 -38.31
N ASP B 45 14.78 -35.41 -39.13
CA ASP B 45 15.72 -36.55 -39.13
C ASP B 45 16.46 -36.81 -40.44
N PRO B 46 15.73 -37.09 -41.54
CA PRO B 46 16.22 -37.60 -42.83
C PRO B 46 17.66 -37.21 -43.23
N ASP B 47 18.40 -36.54 -42.34
CA ASP B 47 19.82 -36.24 -42.55
C ASP B 47 20.00 -35.21 -43.67
N TYR B 48 19.02 -34.33 -43.80
CA TYR B 48 19.03 -33.33 -44.84
C TYR B 48 20.08 -32.25 -44.62
N LEU B 49 21.06 -32.23 -45.52
CA LEU B 49 21.12 -33.16 -46.64
C LEU B 49 22.51 -33.77 -46.73
N LYS B 50 23.01 -34.27 -45.60
CA LYS B 50 24.44 -34.55 -45.44
C LYS B 50 25.16 -33.21 -45.50
N ASP B 51 24.94 -32.50 -46.60
CA ASP B 51 25.60 -31.23 -46.85
C ASP B 51 24.92 -30.07 -46.10
N ARG B 52 23.61 -30.17 -45.88
CA ARG B 52 22.87 -29.12 -45.17
C ARG B 52 23.11 -29.18 -43.66
N LYS B 53 22.89 -28.04 -42.99
CA LYS B 53 22.81 -28.00 -41.53
C LYS B 53 21.40 -27.66 -41.11
N VAL B 54 21.17 -27.67 -39.80
CA VAL B 54 19.91 -27.18 -39.27
C VAL B 54 20.16 -25.92 -38.44
N PHE B 55 19.55 -24.82 -38.88
CA PHE B 55 19.69 -23.52 -38.24
C PHE B 55 18.38 -23.04 -37.64
N VAL B 56 18.49 -22.40 -36.48
CA VAL B 56 17.37 -21.67 -35.90
C VAL B 56 17.78 -20.24 -35.56
N THR B 57 16.90 -19.30 -35.86
CA THR B 57 17.24 -17.89 -35.89
C THR B 57 16.14 -17.05 -35.26
N LEU B 58 16.51 -16.10 -34.43
CA LEU B 58 15.55 -15.29 -33.70
C LEU B 58 15.61 -13.81 -34.11
N THR B 59 14.57 -13.33 -34.77
CA THR B 59 14.62 -11.99 -35.32
C THR B 59 13.63 -11.02 -34.67
N CYS B 60 14.14 -10.04 -33.95
CA CYS B 60 13.31 -8.98 -33.41
C CYS B 60 13.37 -7.76 -34.30
N ALA B 61 12.20 -7.32 -34.79
CA ALA B 61 12.19 -6.25 -35.78
C ALA B 61 10.94 -5.38 -35.74
N PHE B 62 11.12 -4.10 -36.06
CA PHE B 62 10.00 -3.18 -36.23
C PHE B 62 9.58 -3.12 -37.69
N ARG B 63 8.28 -3.16 -37.93
CA ARG B 63 7.72 -3.31 -39.27
C ARG B 63 6.61 -2.30 -39.36
N TYR B 64 6.41 -1.75 -40.54
CA TYR B 64 5.35 -0.78 -40.75
C TYR B 64 4.86 -0.94 -42.18
N GLY B 65 3.55 -1.13 -42.30
CA GLY B 65 2.91 -1.32 -43.59
C GLY B 65 1.90 -2.45 -43.51
N ARG B 66 2.20 -3.43 -42.67
CA ARG B 66 1.45 -4.68 -42.67
C ARG B 66 1.52 -5.34 -41.31
N GLU B 67 0.75 -6.39 -41.14
CA GLU B 67 0.58 -6.96 -39.81
C GLU B 67 1.58 -8.06 -39.46
N ASP B 68 2.32 -8.54 -40.46
CA ASP B 68 2.99 -9.81 -40.31
C ASP B 68 4.52 -9.82 -40.41
N LEU B 69 5.10 -8.87 -41.13
CA LEU B 69 6.49 -9.01 -41.57
C LEU B 69 6.40 -9.78 -42.89
N ASP B 70 5.22 -9.71 -43.51
CA ASP B 70 5.04 -10.15 -44.91
C ASP B 70 5.98 -9.35 -45.82
N VAL B 71 5.73 -9.34 -47.13
CA VAL B 71 6.55 -8.54 -48.06
C VAL B 71 5.69 -7.46 -48.68
N LEU B 72 4.46 -7.85 -49.02
CA LEU B 72 3.59 -6.96 -49.75
C LEU B 72 3.02 -5.91 -48.82
N GLY B 73 3.47 -4.67 -49.02
CA GLY B 73 3.04 -3.56 -48.21
C GLY B 73 4.03 -3.21 -47.11
N LEU B 74 5.15 -3.92 -47.02
CA LEU B 74 6.14 -3.54 -46.03
C LEU B 74 6.80 -2.23 -46.47
N SER B 75 6.42 -1.12 -45.85
CA SER B 75 6.95 0.16 -46.27
C SER B 75 8.25 0.36 -45.55
N PHE B 76 8.33 -0.19 -44.34
CA PHE B 76 9.49 0.00 -43.50
C PHE B 76 9.76 -1.22 -42.64
N ARG B 77 11.03 -1.39 -42.27
CA ARG B 77 11.41 -2.41 -41.31
C ARG B 77 12.82 -2.23 -40.81
N LYS B 78 12.97 -2.34 -39.50
CA LYS B 78 14.26 -2.13 -38.85
C LYS B 78 14.64 -3.31 -37.95
N ASP B 79 15.73 -3.99 -38.31
CA ASP B 79 16.25 -5.04 -37.45
C ASP B 79 16.89 -4.44 -36.20
N LEU B 80 16.47 -4.93 -35.06
CA LEU B 80 17.03 -4.45 -33.81
C LEU B 80 17.88 -5.56 -33.22
N PHE B 81 17.51 -6.79 -33.52
CA PHE B 81 18.17 -7.96 -32.95
C PHE B 81 17.97 -9.19 -33.85
N ILE B 82 19.05 -9.89 -34.17
CA ILE B 82 18.94 -11.25 -34.71
C ILE B 82 20.04 -12.14 -34.12
N ALA B 83 19.63 -13.16 -33.39
CA ALA B 83 20.56 -14.15 -32.88
C ALA B 83 20.37 -15.42 -33.69
N ASN B 84 21.49 -15.99 -34.15
CA ASN B 84 21.42 -17.16 -35.03
C ASN B 84 22.17 -18.39 -34.51
N TYR B 85 21.41 -19.42 -34.20
CA TYR B 85 21.92 -20.59 -33.53
C TYR B 85 21.72 -21.90 -34.31
N GLN B 86 22.82 -22.55 -34.69
CA GLN B 86 22.76 -23.83 -35.39
C GLN B 86 22.57 -24.98 -34.41
N ALA B 87 21.52 -25.76 -34.64
CA ALA B 87 21.12 -26.81 -33.72
C ALA B 87 21.88 -28.10 -34.02
N PHE B 88 22.22 -28.27 -35.29
CA PHE B 88 22.90 -29.46 -35.79
C PHE B 88 23.98 -29.02 -36.76
N PRO B 89 25.26 -29.22 -36.40
CA PRO B 89 25.75 -29.89 -35.19
C PRO B 89 25.67 -29.03 -33.93
N PRO B 90 25.32 -29.65 -32.79
CA PRO B 90 25.19 -28.95 -31.51
C PRO B 90 26.38 -28.05 -31.18
N THR B 91 27.59 -28.63 -31.12
CA THR B 91 28.81 -27.91 -30.72
C THR B 91 28.95 -27.89 -29.18
N PRO B 92 29.82 -27.03 -28.62
CA PRO B 92 29.90 -27.04 -27.16
C PRO B 92 28.58 -26.67 -26.51
N ASN B 93 27.78 -25.89 -27.23
CA ASN B 93 26.52 -25.36 -26.69
C ASN B 93 26.73 -24.49 -25.45
N PRO B 94 27.84 -23.76 -25.39
CA PRO B 94 28.35 -23.13 -24.16
C PRO B 94 27.38 -23.09 -22.95
N PRO B 95 26.34 -22.23 -22.95
CA PRO B 95 25.34 -22.37 -21.86
C PRO B 95 24.48 -23.61 -22.03
N ARG B 96 25.12 -24.77 -21.94
CA ARG B 96 24.52 -26.05 -22.32
C ARG B 96 23.26 -26.48 -21.57
N PRO B 97 23.20 -26.24 -20.25
CA PRO B 97 22.18 -26.88 -19.39
C PRO B 97 20.77 -26.83 -19.97
N PRO B 98 20.39 -27.88 -20.71
CA PRO B 98 19.05 -27.88 -21.32
C PRO B 98 18.04 -27.95 -20.21
N THR B 99 17.09 -27.02 -20.21
CA THR B 99 16.01 -27.04 -19.23
C THR B 99 15.61 -28.46 -18.93
N ARG B 100 15.13 -28.69 -17.71
CA ARG B 100 14.60 -30.00 -17.37
C ARG B 100 13.76 -30.51 -18.53
N LEU B 101 12.90 -29.64 -19.06
CA LEU B 101 12.00 -29.99 -20.14
C LEU B 101 12.75 -30.24 -21.44
N GLN B 102 13.97 -29.71 -21.53
CA GLN B 102 14.80 -29.97 -22.70
C GLN B 102 15.37 -31.37 -22.60
N GLU B 103 15.57 -31.84 -21.37
CA GLU B 103 15.98 -33.22 -21.16
C GLU B 103 14.86 -34.15 -21.59
N ARG B 104 13.66 -33.92 -21.06
CA ARG B 104 12.50 -34.75 -21.38
C ARG B 104 12.21 -34.82 -22.88
N LEU B 105 12.08 -33.66 -23.52
CA LEU B 105 11.79 -33.58 -24.96
C LEU B 105 12.88 -34.21 -25.84
N LEU B 106 14.12 -34.11 -25.39
CA LEU B 106 15.24 -34.71 -26.12
C LEU B 106 15.17 -36.24 -26.09
N ARG B 107 14.74 -36.78 -24.96
CA ARG B 107 14.59 -38.23 -24.81
C ARG B 107 13.32 -38.78 -25.46
N LYS B 108 12.15 -38.23 -25.13
CA LYS B 108 10.87 -38.73 -25.65
C LYS B 108 10.77 -38.63 -27.18
N LEU B 109 11.89 -38.29 -27.82
CA LEU B 109 12.00 -38.21 -29.28
C LEU B 109 13.42 -38.59 -29.73
N GLY B 110 13.59 -38.78 -31.04
CA GLY B 110 14.88 -39.19 -31.58
C GLY B 110 15.99 -38.23 -31.24
N GLN B 111 17.24 -38.69 -31.31
CA GLN B 111 18.40 -37.85 -31.02
C GLN B 111 18.41 -36.62 -31.92
N HIS B 112 17.64 -36.72 -33.00
CA HIS B 112 17.57 -35.70 -34.04
C HIS B 112 16.86 -34.43 -33.57
N ALA B 113 16.30 -34.52 -32.37
CA ALA B 113 15.86 -33.35 -31.63
C ALA B 113 17.13 -32.70 -31.09
N HIS B 114 17.29 -31.40 -31.34
CA HIS B 114 18.53 -30.68 -30.97
C HIS B 114 18.38 -29.37 -30.17
N PRO B 115 17.17 -28.82 -30.12
CA PRO B 115 16.99 -27.54 -29.44
C PRO B 115 18.10 -26.44 -29.52
N PHE B 116 17.90 -25.42 -28.71
CA PHE B 116 18.67 -24.19 -28.80
C PHE B 116 18.45 -23.30 -27.59
N PHE B 117 19.29 -22.27 -27.46
CA PHE B 117 19.18 -21.32 -26.36
C PHE B 117 19.49 -19.90 -26.80
N PHE B 118 18.48 -19.24 -27.35
CA PHE B 118 18.50 -17.81 -27.58
C PHE B 118 18.39 -17.16 -26.23
N THR B 119 19.16 -16.10 -26.02
CA THR B 119 19.00 -15.31 -24.81
C THR B 119 18.80 -13.82 -25.12
N ILE B 120 17.79 -13.24 -24.50
CA ILE B 120 17.34 -11.92 -24.90
C ILE B 120 17.86 -10.78 -24.03
N PRO B 121 18.43 -9.75 -24.67
CA PRO B 121 18.86 -8.55 -23.95
C PRO B 121 17.66 -7.73 -23.51
N GLN B 122 17.63 -7.41 -22.23
CA GLN B 122 16.45 -6.86 -21.57
C GLN B 122 16.10 -5.50 -22.13
N ASN B 123 16.95 -5.00 -23.03
CA ASN B 123 16.79 -3.64 -23.53
C ASN B 123 15.78 -3.48 -24.66
N LEU B 124 15.70 -4.45 -25.56
CA LEU B 124 14.75 -4.39 -26.66
C LEU B 124 13.32 -4.06 -26.20
N PRO B 125 12.46 -3.66 -27.15
CA PRO B 125 11.06 -3.33 -26.88
C PRO B 125 10.21 -4.58 -26.79
N CYS B 126 9.03 -4.49 -26.23
CA CYS B 126 8.16 -5.65 -26.09
C CYS B 126 7.25 -5.82 -27.30
N SER B 127 6.56 -6.95 -27.39
CA SER B 127 5.63 -7.11 -28.49
C SER B 127 4.54 -6.05 -28.42
N VAL B 128 4.40 -5.35 -29.53
CA VAL B 128 3.44 -4.26 -29.62
C VAL B 128 2.90 -4.21 -31.04
N THR B 129 1.59 -4.12 -31.16
CA THR B 129 0.96 -4.14 -32.45
C THR B 129 0.00 -3.00 -32.48
N LEU B 130 -0.18 -2.40 -33.63
CA LEU B 130 -1.17 -1.37 -33.77
C LEU B 130 -1.85 -1.49 -35.11
N GLN B 131 -3.17 -1.60 -35.10
CA GLN B 131 -3.87 -1.57 -36.36
C GLN B 131 -4.73 -0.34 -36.41
N PRO B 132 -4.46 0.54 -37.38
CA PRO B 132 -5.27 1.73 -37.58
C PRO B 132 -6.70 1.30 -37.69
N GLY B 133 -7.63 2.07 -37.13
CA GLY B 133 -9.03 1.75 -37.24
C GLY B 133 -9.78 2.59 -38.24
N PRO B 134 -9.08 3.04 -39.32
CA PRO B 134 -9.55 3.97 -40.34
C PRO B 134 -11.01 4.41 -40.33
N GLU B 135 -11.23 5.59 -40.89
CA GLU B 135 -10.14 6.31 -41.57
C GLU B 135 -9.09 6.90 -40.62
N ASP B 136 -7.86 6.41 -40.73
CA ASP B 136 -6.79 6.80 -39.81
C ASP B 136 -5.50 7.17 -40.53
N THR B 137 -5.60 7.35 -41.85
CA THR B 137 -4.49 7.86 -42.67
C THR B 137 -3.11 7.26 -42.40
N GLY B 138 -3.08 6.13 -41.68
CA GLY B 138 -1.84 5.49 -41.31
C GLY B 138 -1.91 3.98 -41.49
N LYS B 139 -0.75 3.35 -41.63
CA LYS B 139 -0.73 1.92 -41.86
C LYS B 139 -0.57 1.17 -40.55
N ALA B 140 -0.79 -0.14 -40.57
CA ALA B 140 -0.62 -0.95 -39.36
C ALA B 140 0.88 -1.07 -39.10
N CYS B 141 1.29 -1.52 -37.91
CA CYS B 141 2.69 -1.74 -37.61
C CYS B 141 2.95 -2.19 -36.16
N GLY B 142 4.20 -2.47 -35.84
CA GLY B 142 4.52 -2.99 -34.53
C GLY B 142 5.87 -3.66 -34.46
N VAL B 143 6.19 -4.13 -33.25
CA VAL B 143 7.38 -4.96 -33.01
C VAL B 143 7.06 -6.45 -32.88
N ASP B 144 7.70 -7.29 -33.70
CA ASP B 144 7.51 -8.75 -33.68
C ASP B 144 8.78 -9.50 -33.27
N PHE B 145 8.65 -10.54 -32.46
CA PHE B 145 9.72 -11.54 -32.34
C PHE B 145 9.34 -12.78 -33.11
N GLU B 146 10.26 -13.28 -33.91
CA GLU B 146 9.91 -14.36 -34.80
C GLU B 146 11.02 -15.38 -34.90
N ILE B 147 10.70 -16.60 -34.50
CA ILE B 147 11.62 -17.72 -34.60
C ILE B 147 11.53 -18.38 -35.96
N ARG B 148 12.68 -18.63 -36.55
CA ARG B 148 12.76 -19.18 -37.89
C ARG B 148 13.63 -20.44 -37.82
N ALA B 149 13.08 -21.60 -38.15
CA ALA B 149 13.89 -22.81 -38.23
C ALA B 149 13.96 -23.32 -39.67
N PHE B 150 15.15 -23.23 -40.26
CA PHE B 150 15.35 -23.54 -41.67
C PHE B 150 16.63 -24.34 -41.86
N CYS B 151 16.83 -24.83 -43.09
CA CYS B 151 17.96 -25.70 -43.42
C CYS B 151 18.80 -25.22 -44.62
N ALA B 152 20.13 -25.33 -44.50
CA ALA B 152 21.03 -24.78 -45.51
C ALA B 152 22.49 -25.08 -45.18
N LYS B 153 23.32 -25.21 -46.22
CA LYS B 153 24.76 -25.43 -46.00
C LYS B 153 25.37 -24.38 -45.07
N SER B 154 24.94 -23.13 -45.25
CA SER B 154 25.34 -22.06 -44.35
C SER B 154 24.21 -21.09 -44.16
N LEU B 155 24.38 -20.22 -43.18
CA LEU B 155 23.42 -19.16 -42.90
C LEU B 155 23.02 -18.47 -44.21
N GLU B 156 24.00 -17.90 -44.91
CA GLU B 156 23.74 -17.26 -46.19
C GLU B 156 23.20 -18.26 -47.21
N GLU B 157 21.93 -18.57 -47.09
CA GLU B 157 21.27 -19.47 -48.04
C GLU B 157 19.80 -19.13 -48.24
N LYS B 158 19.37 -19.19 -49.50
CA LYS B 158 17.99 -18.90 -49.88
C LYS B 158 17.06 -20.01 -49.39
N SER B 159 16.39 -19.75 -48.28
CA SER B 159 15.43 -20.69 -47.71
C SER B 159 14.01 -20.18 -47.88
N HIS B 160 13.15 -21.00 -48.48
CA HIS B 160 11.78 -20.61 -48.75
C HIS B 160 10.91 -20.86 -47.52
N LYS B 161 9.60 -20.76 -47.69
CA LYS B 161 8.70 -20.96 -46.56
C LYS B 161 8.44 -22.45 -46.34
N ARG B 162 8.64 -23.25 -47.38
CA ARG B 162 8.40 -24.69 -47.29
C ARG B 162 9.40 -25.41 -46.39
N ASN B 163 10.66 -25.40 -46.78
CA ASN B 163 11.67 -26.10 -45.99
C ASN B 163 11.96 -25.43 -44.65
N SER B 164 11.22 -24.35 -44.35
CA SER B 164 11.45 -23.62 -43.10
C SER B 164 10.19 -23.49 -42.27
N VAL B 165 10.37 -23.33 -40.96
CA VAL B 165 9.26 -22.97 -40.08
C VAL B 165 9.47 -21.60 -39.44
N ARG B 166 8.51 -20.72 -39.69
CA ARG B 166 8.49 -19.41 -39.07
C ARG B 166 7.30 -19.31 -38.11
N LEU B 167 7.57 -19.00 -36.85
CA LEU B 167 6.52 -18.75 -35.86
C LEU B 167 6.90 -17.49 -35.09
N VAL B 168 5.94 -16.93 -34.35
CA VAL B 168 6.12 -15.64 -33.70
C VAL B 168 5.89 -15.70 -32.19
N ILE B 169 6.86 -15.26 -31.40
CA ILE B 169 6.70 -15.27 -29.95
C ILE B 169 6.50 -13.86 -29.36
N ARG B 170 5.95 -13.81 -28.15
CA ARG B 170 5.65 -12.57 -27.46
C ARG B 170 6.62 -12.34 -26.31
N LYS B 171 6.94 -11.07 -26.10
CA LYS B 171 7.74 -10.62 -24.98
C LYS B 171 6.84 -9.63 -24.24
N VAL B 172 6.34 -10.04 -23.08
CA VAL B 172 5.52 -9.16 -22.26
C VAL B 172 6.38 -8.50 -21.18
N GLN B 173 6.06 -7.25 -20.86
CA GLN B 173 6.84 -6.49 -19.89
C GLN B 173 6.30 -6.62 -18.49
N PHE B 174 7.14 -7.08 -17.59
CA PHE B 174 6.81 -7.01 -16.18
C PHE B 174 7.63 -5.99 -15.39
N ALA B 175 6.95 -5.17 -14.59
CA ALA B 175 7.62 -4.36 -13.58
C ALA B 175 6.96 -4.64 -12.24
N PRO B 176 7.76 -4.53 -11.17
CA PRO B 176 7.33 -4.80 -9.79
C PRO B 176 6.76 -3.52 -9.22
N GLU B 177 5.87 -3.62 -8.25
CA GLU B 177 5.44 -2.41 -7.55
C GLU B 177 6.56 -1.93 -6.63
N LYS B 178 6.84 -0.64 -6.70
CA LYS B 178 7.80 0.02 -5.79
C LYS B 178 7.05 1.12 -5.05
N PRO B 179 6.61 0.86 -3.82
CA PRO B 179 5.69 1.80 -3.16
C PRO B 179 6.30 3.18 -2.98
N GLY B 180 5.66 4.19 -3.57
CA GLY B 180 6.03 5.58 -3.39
C GLY B 180 4.78 6.38 -3.03
N PRO B 181 4.61 7.56 -3.66
CA PRO B 181 3.40 8.37 -3.46
C PRO B 181 2.31 8.06 -4.49
N GLN B 182 1.07 8.01 -4.04
CA GLN B 182 -0.08 7.82 -4.90
C GLN B 182 0.06 8.71 -6.12
N PRO B 183 -0.26 8.21 -7.32
CA PRO B 183 -0.08 9.09 -8.48
C PRO B 183 -0.62 10.46 -8.09
N SER B 184 0.34 11.39 -7.94
CA SER B 184 0.09 12.72 -7.45
C SER B 184 -1.33 13.09 -7.80
N ALA B 185 -2.15 13.31 -6.78
CA ALA B 185 -3.43 13.89 -7.03
C ALA B 185 -3.16 14.88 -8.15
N GLU B 186 -4.11 15.05 -9.04
CA GLU B 186 -4.10 16.28 -9.81
C GLU B 186 -5.07 17.22 -9.10
N THR B 187 -4.69 18.50 -9.04
CA THR B 187 -5.53 19.56 -8.50
C THR B 187 -5.78 20.34 -9.77
N THR B 188 -6.96 20.91 -9.93
CA THR B 188 -7.08 21.98 -10.93
C THR B 188 -8.11 22.99 -10.51
N ARG B 189 -7.94 24.23 -10.97
CA ARG B 189 -8.83 25.27 -10.50
C ARG B 189 -9.31 26.24 -11.61
N HIS B 190 -10.63 26.35 -11.78
CA HIS B 190 -11.26 27.18 -12.82
C HIS B 190 -11.99 28.33 -12.12
N PHE B 191 -11.75 29.56 -12.57
CA PHE B 191 -12.75 30.60 -12.47
C PHE B 191 -13.45 30.68 -13.79
N LEU B 192 -14.66 30.17 -13.84
CA LEU B 192 -15.63 30.53 -14.85
C LEU B 192 -15.77 32.05 -14.51
N MET B 193 -16.20 32.91 -15.43
CA MET B 193 -15.94 34.38 -15.25
C MET B 193 -16.52 35.23 -14.09
N SER B 194 -16.05 34.95 -12.87
CA SER B 194 -16.14 35.79 -11.66
C SER B 194 -14.96 35.30 -10.83
N ASP B 195 -14.98 35.48 -9.51
CA ASP B 195 -13.76 35.16 -8.76
C ASP B 195 -13.90 33.93 -7.85
N ARG B 196 -15.03 33.24 -7.96
CA ARG B 196 -15.29 32.08 -7.12
C ARG B 196 -15.02 30.87 -7.94
N SER B 197 -14.21 29.97 -7.40
CA SER B 197 -13.67 28.86 -8.17
C SER B 197 -14.46 27.57 -8.12
N LEU B 198 -14.03 26.67 -8.99
CA LEU B 198 -14.46 25.30 -9.02
C LEU B 198 -13.17 24.57 -8.88
N HIS B 199 -13.08 23.71 -7.87
CA HIS B 199 -11.85 22.99 -7.60
C HIS B 199 -12.04 21.48 -7.72
N LEU B 200 -11.14 20.87 -8.47
CA LEU B 200 -11.18 19.45 -8.75
C LEU B 200 -9.88 18.84 -8.34
N GLU B 201 -9.99 17.73 -7.61
CA GLU B 201 -8.80 17.04 -7.10
C GLU B 201 -9.04 15.56 -7.20
N ALA B 202 -8.04 14.84 -7.69
CA ALA B 202 -8.21 13.39 -7.81
C ALA B 202 -6.88 12.69 -7.69
N SER B 203 -6.92 11.43 -7.31
CA SER B 203 -5.72 10.64 -7.16
C SER B 203 -6.04 9.17 -7.41
N LEU B 204 -5.04 8.32 -7.40
CA LEU B 204 -5.27 6.89 -7.53
C LEU B 204 -4.65 6.20 -6.33
N ASP B 205 -4.99 4.94 -6.12
CA ASP B 205 -4.47 4.19 -4.98
C ASP B 205 -2.97 3.86 -5.13
N LYS B 206 -2.50 3.71 -6.37
CA LYS B 206 -1.05 3.52 -6.68
C LYS B 206 -0.70 3.95 -8.11
N GLU B 207 0.57 3.80 -8.50
CA GLU B 207 1.02 4.17 -9.86
C GLU B 207 1.01 3.00 -10.86
N LEU B 208 1.49 1.83 -10.42
CA LEU B 208 1.64 0.70 -11.31
C LEU B 208 0.44 -0.23 -11.24
N TYR B 209 -0.01 -0.70 -12.40
CA TYR B 209 -1.16 -1.58 -12.43
C TYR B 209 -0.93 -2.68 -13.43
N TYR B 210 -1.39 -3.87 -13.11
CA TYR B 210 -1.30 -4.99 -14.02
C TYR B 210 -2.66 -5.09 -14.66
N HIS B 211 -2.73 -5.74 -15.81
CA HIS B 211 -4.01 -5.96 -16.50
C HIS B 211 -5.02 -6.66 -15.59
N GLY B 212 -6.30 -6.34 -15.80
CA GLY B 212 -7.37 -6.93 -15.02
C GLY B 212 -7.50 -6.34 -13.63
N GLU B 213 -6.43 -5.70 -13.16
CA GLU B 213 -6.49 -4.92 -11.93
C GLU B 213 -7.26 -3.62 -12.20
N PRO B 214 -8.20 -3.29 -11.30
CA PRO B 214 -8.97 -2.05 -11.41
C PRO B 214 -8.34 -0.91 -10.63
N LEU B 215 -8.59 0.31 -11.11
CA LEU B 215 -8.11 1.52 -10.47
C LEU B 215 -9.18 2.21 -9.63
N ASN B 216 -8.81 2.61 -8.42
CA ASN B 216 -9.71 3.37 -7.52
C ASN B 216 -9.45 4.85 -7.57
N VAL B 217 -10.19 5.54 -8.43
CA VAL B 217 -9.99 6.94 -8.63
C VAL B 217 -10.66 7.73 -7.51
N ASN B 218 -9.87 8.31 -6.63
CA ASN B 218 -10.44 9.15 -5.59
C ASN B 218 -10.69 10.54 -6.15
N VAL B 219 -11.97 10.92 -6.16
CA VAL B 219 -12.38 12.20 -6.74
C VAL B 219 -13.00 13.07 -5.69
N HIS B 220 -12.56 14.32 -5.60
CA HIS B 220 -13.16 15.25 -4.64
C HIS B 220 -13.33 16.66 -5.21
N VAL B 221 -14.57 17.11 -5.26
CA VAL B 221 -14.90 18.36 -5.91
C VAL B 221 -15.33 19.42 -4.90
N THR B 222 -14.80 20.62 -5.06
CA THR B 222 -15.14 21.71 -4.18
C THR B 222 -15.57 22.91 -4.99
N ASN B 223 -16.87 23.12 -5.03
CA ASN B 223 -17.48 24.04 -5.98
C ASN B 223 -18.00 25.34 -5.37
N ASN B 224 -17.20 26.39 -5.40
CA ASN B 224 -17.66 27.69 -4.96
C ASN B 224 -18.09 28.59 -6.13
N SER B 225 -18.27 27.99 -7.30
CA SER B 225 -18.62 28.81 -8.45
C SER B 225 -20.12 28.89 -8.49
N THR B 226 -20.64 29.56 -9.50
CA THR B 226 -22.07 29.68 -9.74
C THR B 226 -22.59 28.48 -10.52
N LYS B 227 -21.70 27.91 -11.33
CA LYS B 227 -22.09 26.87 -12.26
C LYS B 227 -22.49 25.60 -11.52
N THR B 228 -23.38 24.83 -12.15
CA THR B 228 -23.73 23.51 -11.65
C THR B 228 -22.96 22.41 -12.40
N VAL B 229 -22.74 21.28 -11.74
CA VAL B 229 -22.02 20.16 -12.35
C VAL B 229 -23.00 19.09 -12.78
N LYS B 230 -23.31 19.08 -14.08
CA LYS B 230 -24.28 18.17 -14.68
C LYS B 230 -23.94 16.68 -14.36
N LYS B 231 -22.71 16.26 -14.65
CA LYS B 231 -22.28 14.91 -14.29
C LYS B 231 -20.77 14.81 -14.24
N ILE B 232 -20.29 13.59 -14.04
CA ILE B 232 -18.87 13.37 -13.84
C ILE B 232 -18.35 12.17 -14.59
N LYS B 233 -17.47 12.39 -15.54
CA LYS B 233 -16.99 11.29 -16.36
C LYS B 233 -15.56 10.90 -16.03
N VAL B 234 -15.37 9.66 -15.58
CA VAL B 234 -14.06 9.10 -15.27
C VAL B 234 -13.63 8.11 -16.37
N SER B 235 -12.45 8.34 -16.97
CA SER B 235 -11.98 7.54 -18.11
C SER B 235 -10.51 7.09 -18.01
N VAL B 236 -10.11 6.14 -18.87
CA VAL B 236 -8.72 5.72 -18.99
C VAL B 236 -8.28 5.86 -20.44
N ARG B 237 -7.39 6.80 -20.73
CA ARG B 237 -7.00 7.00 -22.13
C ARG B 237 -5.64 6.38 -22.45
N GLN B 238 -5.52 5.80 -23.63
CA GLN B 238 -4.27 5.25 -24.12
C GLN B 238 -3.62 6.19 -25.11
N TYR B 239 -2.32 6.39 -24.95
CA TYR B 239 -1.57 7.27 -25.82
C TYR B 239 -0.49 6.50 -26.52
N ALA B 240 -0.62 6.35 -27.83
CA ALA B 240 0.33 5.57 -28.60
C ALA B 240 1.04 6.43 -29.62
N ASP B 241 2.35 6.49 -29.50
CA ASP B 241 3.15 7.25 -30.44
C ASP B 241 4.08 6.40 -31.31
N ILE B 242 3.86 6.39 -32.61
CA ILE B 242 4.80 5.70 -33.49
C ILE B 242 6.00 6.56 -33.49
N CYS B 243 7.18 5.98 -33.41
CA CYS B 243 8.40 6.76 -33.28
C CYS B 243 9.29 6.65 -34.50
N LEU B 244 9.23 5.49 -35.14
CA LEU B 244 9.96 5.22 -36.37
C LEU B 244 9.11 5.51 -37.61
N PHE B 245 9.73 6.11 -38.62
CA PHE B 245 9.17 6.09 -39.95
C PHE B 245 7.91 6.95 -40.13
N SER B 246 6.84 6.63 -39.43
CA SER B 246 5.69 7.49 -39.50
C SER B 246 5.50 7.99 -38.10
N THR B 247 6.01 9.17 -37.81
CA THR B 247 5.61 9.83 -36.59
C THR B 247 4.10 9.95 -36.69
N ALA B 248 3.41 9.52 -35.64
CA ALA B 248 1.97 9.63 -35.59
C ALA B 248 1.53 9.27 -34.20
N GLN B 249 0.44 9.88 -33.76
CA GLN B 249 0.06 9.75 -32.38
C GLN B 249 -1.38 9.40 -32.25
N TYR B 250 -1.63 8.19 -31.78
CA TYR B 250 -2.97 7.81 -31.46
C TYR B 250 -3.28 8.14 -30.00
N LYS B 251 -4.51 8.60 -29.77
CA LYS B 251 -5.04 8.88 -28.46
C LYS B 251 -6.40 8.20 -28.38
N CYS B 252 -6.52 7.19 -27.52
CA CYS B 252 -7.79 6.49 -27.47
C CYS B 252 -8.21 6.09 -26.08
N PRO B 253 -9.50 6.24 -25.77
CA PRO B 253 -10.13 5.80 -24.52
C PRO B 253 -10.50 4.33 -24.55
N VAL B 254 -10.20 3.66 -23.45
CA VAL B 254 -10.24 2.23 -23.38
C VAL B 254 -10.96 1.77 -22.10
N ALA B 255 -11.84 2.63 -21.59
CA ALA B 255 -12.60 2.38 -20.36
C ALA B 255 -13.35 3.65 -19.94
N GLN B 256 -14.37 3.48 -19.12
CA GLN B 256 -15.36 4.52 -18.96
C GLN B 256 -16.39 4.13 -17.86
N VAL B 257 -16.75 5.12 -17.06
CA VAL B 257 -17.73 4.95 -16.01
C VAL B 257 -18.40 6.29 -15.71
N GLU B 258 -19.64 6.25 -15.26
CA GLU B 258 -20.40 7.47 -15.07
C GLU B 258 -21.65 7.27 -14.23
N GLN B 259 -21.47 7.08 -12.93
CA GLN B 259 -22.62 7.08 -12.05
C GLN B 259 -23.32 8.42 -12.25
N ASP B 260 -24.54 8.54 -11.73
CA ASP B 260 -25.29 9.80 -11.78
C ASP B 260 -24.86 10.72 -10.64
N ASP B 261 -24.01 11.69 -10.95
CA ASP B 261 -23.43 12.52 -9.91
C ASP B 261 -23.47 13.99 -10.28
N GLN B 262 -23.82 14.82 -9.30
CA GLN B 262 -24.10 16.23 -9.55
C GLN B 262 -23.64 17.09 -8.39
N VAL B 263 -22.91 18.18 -8.66
CA VAL B 263 -22.49 19.09 -7.61
C VAL B 263 -22.99 20.51 -7.84
N SER B 264 -23.92 20.93 -7.01
CA SER B 264 -24.48 22.27 -7.07
C SER B 264 -23.45 23.27 -6.59
N PRO B 265 -23.76 24.56 -6.70
CA PRO B 265 -22.87 25.66 -6.25
C PRO B 265 -22.66 25.73 -4.73
N SER B 266 -21.69 26.54 -4.31
CA SER B 266 -21.09 26.46 -2.96
C SER B 266 -21.40 25.14 -2.28
N SER B 267 -20.85 24.07 -2.85
CA SER B 267 -21.11 22.71 -2.43
C SER B 267 -19.85 21.85 -2.61
N THR B 268 -19.72 20.86 -1.73
CA THR B 268 -18.62 19.92 -1.76
C THR B 268 -19.10 18.55 -2.28
N PHE B 269 -18.18 17.72 -2.76
CA PHE B 269 -18.56 16.39 -3.21
C PHE B 269 -17.35 15.49 -3.30
N CYS B 270 -17.48 14.26 -2.84
CA CYS B 270 -16.42 13.28 -3.00
C CYS B 270 -16.97 11.86 -3.22
N LYS B 271 -16.28 11.13 -4.09
CA LYS B 271 -16.64 9.76 -4.44
C LYS B 271 -15.38 9.03 -4.90
N VAL B 272 -15.32 7.74 -4.60
CA VAL B 272 -14.30 6.87 -5.17
C VAL B 272 -14.86 6.06 -6.33
N TYR B 273 -14.42 6.37 -7.55
CA TYR B 273 -14.82 5.61 -8.72
C TYR B 273 -13.88 4.44 -9.01
N THR B 274 -14.47 3.28 -9.30
CA THR B 274 -13.73 2.10 -9.75
C THR B 274 -13.71 2.03 -11.26
N ILE B 275 -12.54 1.80 -11.85
CA ILE B 275 -12.50 1.63 -13.29
C ILE B 275 -11.45 0.62 -13.70
N THR B 276 -11.81 -0.23 -14.66
CA THR B 276 -10.99 -1.36 -15.06
C THR B 276 -10.79 -1.33 -16.56
N PRO B 277 -9.52 -1.20 -16.99
CA PRO B 277 -9.19 -1.12 -18.42
C PRO B 277 -8.85 -2.48 -19.02
N LEU B 278 -9.75 -2.94 -19.89
CA LEU B 278 -9.54 -4.20 -20.57
C LEU B 278 -9.80 -4.05 -22.06
N LEU B 279 -8.96 -4.68 -22.86
CA LEU B 279 -9.23 -4.82 -24.29
C LEU B 279 -10.56 -5.53 -24.54
N SER B 280 -10.90 -6.50 -23.69
CA SER B 280 -12.23 -7.10 -23.69
C SER B 280 -13.27 -6.02 -23.97
N ASN B 281 -13.17 -4.93 -23.20
CA ASN B 281 -14.21 -3.92 -23.12
C ASN B 281 -14.21 -2.91 -24.26
N ASN B 282 -13.15 -2.87 -25.05
CA ASN B 282 -13.15 -1.98 -26.19
C ASN B 282 -13.47 -2.73 -27.48
N ARG B 283 -14.43 -2.19 -28.22
CA ARG B 283 -14.98 -2.79 -29.42
C ARG B 283 -14.08 -2.56 -30.61
N GLU B 284 -13.51 -1.36 -30.67
CA GLU B 284 -12.75 -0.91 -31.82
C GLU B 284 -11.37 -1.54 -31.95
N LYS B 285 -10.99 -1.82 -33.19
CA LYS B 285 -9.60 -2.06 -33.55
C LYS B 285 -8.89 -0.75 -33.31
N ARG B 286 -9.44 0.30 -33.89
CA ARG B 286 -9.06 1.70 -33.61
C ARG B 286 -7.55 1.95 -33.57
N GLY B 287 -7.16 3.22 -33.42
CA GLY B 287 -5.78 3.54 -33.17
C GLY B 287 -5.43 3.01 -31.79
N LEU B 288 -5.15 1.72 -31.71
CA LEU B 288 -4.94 1.05 -30.43
C LEU B 288 -3.70 0.18 -30.37
N ALA B 289 -2.92 0.35 -29.32
CA ALA B 289 -1.69 -0.39 -29.17
C ALA B 289 -1.99 -1.64 -28.37
N LEU B 290 -1.75 -2.79 -28.99
CA LEU B 290 -1.97 -4.10 -28.35
C LEU B 290 -0.65 -4.85 -28.24
N ASP B 291 -0.62 -5.90 -27.43
CA ASP B 291 0.59 -6.71 -27.33
C ASP B 291 0.40 -8.04 -28.04
N GLY B 292 0.01 -7.97 -29.31
CA GLY B 292 -0.19 -9.14 -30.14
C GLY B 292 -1.32 -8.96 -31.14
N LYS B 293 -1.42 -9.91 -32.07
CA LYS B 293 -2.49 -9.88 -33.06
C LYS B 293 -3.82 -9.77 -32.34
N LEU B 294 -4.65 -8.90 -32.88
CA LEU B 294 -5.92 -8.54 -32.29
C LEU B 294 -6.87 -9.72 -32.22
N LYS B 295 -6.74 -10.65 -33.17
CA LYS B 295 -7.66 -11.79 -33.21
C LYS B 295 -7.41 -12.78 -32.09
N HIS B 296 -6.18 -12.77 -31.55
CA HIS B 296 -5.80 -13.76 -30.55
C HIS B 296 -6.41 -13.49 -29.19
N GLU B 297 -6.86 -14.54 -28.53
CA GLU B 297 -7.53 -14.40 -27.25
C GLU B 297 -6.60 -13.80 -26.18
N ASP B 298 -5.37 -14.29 -26.14
CA ASP B 298 -4.43 -13.91 -25.09
C ASP B 298 -3.79 -12.53 -25.28
N THR B 299 -4.23 -11.80 -26.30
CA THR B 299 -3.76 -10.45 -26.57
C THR B 299 -4.39 -9.53 -25.52
N ASN B 300 -3.61 -8.57 -25.01
CA ASN B 300 -4.15 -7.51 -24.14
C ASN B 300 -3.82 -6.10 -24.65
N LEU B 301 -4.31 -5.08 -23.97
CA LEU B 301 -3.83 -3.73 -24.27
C LEU B 301 -2.34 -3.76 -23.95
N ALA B 302 -1.54 -3.06 -24.74
CA ALA B 302 -0.10 -3.07 -24.54
C ALA B 302 0.28 -2.47 -23.18
N SER B 303 1.33 -2.99 -22.55
CA SER B 303 1.83 -2.47 -21.29
C SER B 303 2.54 -1.13 -21.52
N SER B 304 2.38 -0.19 -20.57
CA SER B 304 3.18 1.05 -20.52
C SER B 304 4.62 0.80 -20.95
N THR B 305 5.20 1.67 -21.77
CA THR B 305 6.59 1.46 -22.13
C THR B 305 7.49 2.20 -21.15
N ILE B 306 8.48 1.48 -20.59
CA ILE B 306 9.34 2.06 -19.55
C ILE B 306 10.39 3.03 -20.10
N VAL B 307 10.19 4.31 -19.79
CA VAL B 307 11.09 5.36 -20.24
C VAL B 307 12.54 4.90 -20.39
N LYS B 308 13.15 4.48 -19.28
CA LYS B 308 14.51 3.96 -19.27
C LYS B 308 15.61 5.02 -19.21
N GLU B 309 15.44 6.09 -19.99
CA GLU B 309 16.50 7.10 -20.14
C GLU B 309 17.67 6.49 -20.92
N GLY B 310 17.37 5.38 -21.60
CA GLY B 310 18.33 4.71 -22.45
C GLY B 310 17.96 4.81 -23.92
N ALA B 311 17.11 5.80 -24.23
CA ALA B 311 16.70 6.08 -25.60
C ALA B 311 17.74 5.60 -26.62
N ASN B 312 17.39 4.65 -27.48
CA ASN B 312 16.02 4.20 -27.79
C ASN B 312 14.93 4.33 -26.73
N LYS B 313 13.80 4.96 -27.07
CA LYS B 313 13.49 5.50 -28.40
C LYS B 313 14.60 6.38 -28.97
N GLU B 314 14.60 6.63 -30.27
CA GLU B 314 13.56 6.24 -31.24
C GLU B 314 13.21 4.75 -31.24
N VAL B 315 14.24 3.94 -31.07
CA VAL B 315 14.19 2.52 -31.34
C VAL B 315 13.38 1.71 -30.33
N LEU B 316 12.14 2.12 -30.10
CA LEU B 316 11.16 1.33 -29.36
C LEU B 316 9.95 1.17 -30.25
N GLY B 317 9.96 1.93 -31.35
CA GLY B 317 8.91 1.80 -32.33
C GLY B 317 7.68 2.54 -31.90
N ILE B 318 6.93 1.98 -30.97
CA ILE B 318 5.78 2.69 -30.45
C ILE B 318 5.85 2.96 -28.93
N LEU B 319 5.58 4.20 -28.56
CA LEU B 319 5.49 4.62 -27.18
C LEU B 319 4.08 4.47 -26.66
N VAL B 320 3.89 3.60 -25.68
CA VAL B 320 2.60 3.42 -25.06
C VAL B 320 2.63 3.98 -23.65
N SER B 321 1.53 4.59 -23.26
CA SER B 321 1.42 5.26 -21.96
C SER B 321 -0.04 5.52 -21.60
N TYR B 322 -0.33 5.55 -20.31
CA TYR B 322 -1.70 5.64 -19.88
C TYR B 322 -1.98 6.84 -19.02
N ARG B 323 -3.25 7.14 -18.90
CA ARG B 323 -3.70 8.26 -18.10
C ARG B 323 -5.14 8.00 -17.69
N VAL B 324 -5.48 8.34 -16.46
CA VAL B 324 -6.89 8.44 -16.09
C VAL B 324 -7.34 9.88 -16.27
N LYS B 325 -8.56 10.09 -16.74
CA LYS B 325 -9.07 11.44 -16.87
C LYS B 325 -10.32 11.50 -16.05
N VAL B 326 -10.44 12.53 -15.22
CA VAL B 326 -11.64 12.74 -14.43
C VAL B 326 -12.25 14.05 -14.90
N LYS B 327 -13.46 13.98 -15.47
CA LYS B 327 -14.05 15.16 -16.10
C LYS B 327 -15.31 15.67 -15.44
N LEU B 328 -15.29 16.95 -15.12
CA LEU B 328 -16.43 17.62 -14.55
C LEU B 328 -17.24 18.29 -15.67
N VAL B 329 -18.34 17.64 -16.03
CA VAL B 329 -19.22 18.16 -17.05
C VAL B 329 -20.05 19.26 -16.43
N VAL B 330 -19.68 20.50 -16.71
CA VAL B 330 -20.34 21.64 -16.09
C VAL B 330 -21.50 22.18 -16.91
N SER B 331 -22.63 22.41 -16.26
CA SER B 331 -23.88 22.70 -16.94
C SER B 331 -23.77 23.81 -17.99
N ARG B 332 -23.50 25.04 -17.55
CA ARG B 332 -23.43 26.11 -18.53
C ARG B 332 -21.99 26.24 -18.99
N GLY B 333 -21.62 25.43 -19.98
CA GLY B 333 -20.27 25.43 -20.53
C GLY B 333 -19.21 25.19 -19.46
N GLY B 334 -17.98 25.62 -19.75
CA GLY B 334 -16.80 25.25 -19.00
C GLY B 334 -16.76 23.79 -18.58
N ASP B 335 -15.79 23.02 -19.06
CA ASP B 335 -15.67 21.66 -18.56
C ASP B 335 -14.32 21.42 -17.94
N VAL B 336 -14.33 21.08 -16.66
CA VAL B 336 -13.14 21.04 -15.81
C VAL B 336 -12.55 19.62 -15.67
N SER B 337 -11.25 19.50 -15.88
CA SER B 337 -10.65 18.16 -15.92
C SER B 337 -9.21 18.08 -15.40
N VAL B 338 -8.90 16.91 -14.86
CA VAL B 338 -7.55 16.58 -14.45
C VAL B 338 -7.24 15.23 -15.10
N GLU B 339 -5.97 14.96 -15.35
CA GLU B 339 -5.56 13.67 -15.88
C GLU B 339 -4.51 13.06 -14.97
N LEU B 340 -4.63 11.77 -14.68
CA LEU B 340 -3.70 11.14 -13.77
C LEU B 340 -2.89 10.02 -14.44
N PRO B 341 -1.61 10.29 -14.74
CA PRO B 341 -0.74 9.32 -15.42
C PRO B 341 -0.54 8.10 -14.55
N PHE B 342 -0.27 6.95 -15.16
CA PHE B 342 0.00 5.73 -14.42
C PHE B 342 0.43 4.66 -15.40
N VAL B 343 1.27 3.73 -14.92
CA VAL B 343 1.78 2.65 -15.77
C VAL B 343 0.94 1.39 -15.72
N LEU B 344 0.82 0.77 -16.89
CA LEU B 344 0.15 -0.52 -17.06
C LEU B 344 1.15 -1.63 -17.38
N MET B 345 1.32 -2.53 -16.42
CA MET B 345 2.28 -3.62 -16.58
C MET B 345 1.58 -4.93 -16.83
N HIS B 346 2.27 -5.83 -17.51
CA HIS B 346 1.84 -7.20 -17.61
C HIS B 346 2.01 -7.83 -16.25
N PRO B 347 1.02 -8.61 -15.82
CA PRO B 347 1.10 -9.35 -14.55
C PRO B 347 2.07 -10.54 -14.63
N LYS B 348 2.40 -11.12 -13.48
CA LYS B 348 3.22 -12.34 -13.46
C LYS B 348 2.71 -13.33 -12.41
N ASP B 385 3.17 -35.02 -16.43
CA ASP B 385 3.29 -35.67 -17.74
C ASP B 385 3.20 -34.62 -18.85
N ILE B 386 3.73 -34.94 -20.02
CA ILE B 386 3.81 -34.01 -21.17
C ILE B 386 2.59 -34.03 -22.09
N VAL B 387 2.23 -32.85 -22.59
CA VAL B 387 1.17 -32.71 -23.58
C VAL B 387 1.63 -31.78 -24.71
N PHE B 388 1.13 -32.01 -25.91
CA PHE B 388 1.51 -31.18 -27.06
C PHE B 388 0.39 -30.30 -27.57
N GLU B 389 0.23 -29.14 -26.94
CA GLU B 389 -0.68 -28.14 -27.45
C GLU B 389 -0.06 -27.60 -28.73
N ASP B 390 -0.87 -27.45 -29.77
CA ASP B 390 -0.39 -26.92 -31.02
C ASP B 390 -0.17 -25.42 -30.93
N PHE B 391 1.00 -24.97 -31.37
CA PHE B 391 1.43 -23.59 -31.15
C PHE B 391 0.48 -22.51 -31.66
N ALA B 392 0.30 -22.45 -32.98
CA ALA B 392 -0.44 -21.36 -33.62
C ALA B 392 -1.69 -20.97 -32.83
N ARG B 393 -1.66 -19.80 -32.20
CA ARG B 393 -2.78 -19.32 -31.40
C ARG B 393 -4.02 -19.19 -32.24
#